data_1D38
# 
_entry.id   1D38 
# 
_audit_conform.dict_name       mmcif_pdbx.dic 
_audit_conform.dict_version    5.385 
_audit_conform.dict_location   http://mmcif.pdb.org/dictionaries/ascii/mmcif_pdbx.dic 
# 
loop_
_database_2.database_id 
_database_2.database_code 
_database_2.pdbx_database_accession 
_database_2.pdbx_DOI 
PDB   1D38         pdb_00001d38 10.2210/pdb1d38/pdb 
RCSB  DDF029       ?            ?                   
WWPDB D_1000172642 ?            ?                   
# 
loop_
_pdbx_audit_revision_history.ordinal 
_pdbx_audit_revision_history.data_content_type 
_pdbx_audit_revision_history.major_revision 
_pdbx_audit_revision_history.minor_revision 
_pdbx_audit_revision_history.revision_date 
1 'Structure model' 1 0 1992-04-15 
2 'Structure model' 1 1 2008-05-22 
3 'Structure model' 1 2 2011-07-13 
4 'Structure model' 1 3 2024-02-07 
# 
_pdbx_audit_revision_details.ordinal             1 
_pdbx_audit_revision_details.revision_ordinal    1 
_pdbx_audit_revision_details.data_content_type   'Structure model' 
_pdbx_audit_revision_details.provider            repository 
_pdbx_audit_revision_details.type                'Initial release' 
_pdbx_audit_revision_details.description         ? 
_pdbx_audit_revision_details.details             ? 
# 
loop_
_pdbx_audit_revision_group.ordinal 
_pdbx_audit_revision_group.revision_ordinal 
_pdbx_audit_revision_group.data_content_type 
_pdbx_audit_revision_group.group 
1 2 'Structure model' 'Version format compliance' 
2 3 'Structure model' 'Version format compliance' 
3 4 'Structure model' 'Data collection'           
4 4 'Structure model' 'Database references'       
5 4 'Structure model' 'Derived calculations'      
# 
loop_
_pdbx_audit_revision_category.ordinal 
_pdbx_audit_revision_category.revision_ordinal 
_pdbx_audit_revision_category.data_content_type 
_pdbx_audit_revision_category.category 
1 4 'Structure model' chem_comp_atom         
2 4 'Structure model' chem_comp_bond         
3 4 'Structure model' database_2             
4 4 'Structure model' pdbx_struct_conn_angle 
5 4 'Structure model' struct_conn            
6 4 'Structure model' struct_site            
# 
loop_
_pdbx_audit_revision_item.ordinal 
_pdbx_audit_revision_item.revision_ordinal 
_pdbx_audit_revision_item.data_content_type 
_pdbx_audit_revision_item.item 
1  4 'Structure model' '_database_2.pdbx_DOI'                      
2  4 'Structure model' '_database_2.pdbx_database_accession'       
3  4 'Structure model' '_pdbx_struct_conn_angle.ptnr1_auth_seq_id' 
4  4 'Structure model' '_pdbx_struct_conn_angle.ptnr1_symmetry'    
5  4 'Structure model' '_pdbx_struct_conn_angle.ptnr3_auth_seq_id' 
6  4 'Structure model' '_pdbx_struct_conn_angle.ptnr3_symmetry'    
7  4 'Structure model' '_pdbx_struct_conn_angle.value'             
8  4 'Structure model' '_struct_conn.pdbx_dist_value'              
9  4 'Structure model' '_struct_conn.ptnr1_auth_comp_id'           
10 4 'Structure model' '_struct_conn.ptnr1_auth_seq_id'            
11 4 'Structure model' '_struct_conn.ptnr1_label_asym_id'          
12 4 'Structure model' '_struct_conn.ptnr1_label_atom_id'          
13 4 'Structure model' '_struct_conn.ptnr1_label_comp_id'          
14 4 'Structure model' '_struct_conn.ptnr1_label_seq_id'           
15 4 'Structure model' '_struct_conn.ptnr2_auth_comp_id'           
16 4 'Structure model' '_struct_conn.ptnr2_auth_seq_id'            
17 4 'Structure model' '_struct_conn.ptnr2_label_asym_id'          
18 4 'Structure model' '_struct_conn.ptnr2_label_atom_id'          
19 4 'Structure model' '_struct_conn.ptnr2_label_comp_id'          
20 4 'Structure model' '_struct_conn.ptnr2_label_seq_id'           
21 4 'Structure model' '_struct_conn.ptnr2_symmetry'               
22 4 'Structure model' '_struct_site.pdbx_auth_asym_id'            
23 4 'Structure model' '_struct_site.pdbx_auth_comp_id'            
24 4 'Structure model' '_struct_site.pdbx_auth_seq_id'             
# 
_pdbx_database_status.status_code                     REL 
_pdbx_database_status.entry_id                        1D38 
_pdbx_database_status.recvd_initial_deposition_date   1991-04-23 
_pdbx_database_status.deposit_site                    BNL 
_pdbx_database_status.process_site                    NDB 
_pdbx_database_status.SG_entry                        . 
_pdbx_database_status.pdb_format_compatible           Y 
_pdbx_database_status.status_code_mr                  ? 
_pdbx_database_status.status_code_sf                  ? 
_pdbx_database_status.status_code_cs                  ? 
_pdbx_database_status.status_code_nmr_data            ? 
_pdbx_database_status.methods_development_category    ? 
# 
loop_
_audit_author.name 
_audit_author.pdbx_ordinal 
'Gao, Y.-G.'    1 
'Wang, A.H.-J.' 2 
# 
loop_
_citation.id 
_citation.title 
_citation.journal_abbrev 
_citation.journal_volume 
_citation.page_first 
_citation.page_last 
_citation.year 
_citation.journal_id_ASTM 
_citation.country 
_citation.journal_id_ISSN 
_citation.journal_id_CSD 
_citation.book_publisher 
_citation.pdbx_database_id_PubMed 
_citation.pdbx_database_id_DOI 
primary 
;Influence of aglycone modifications on the binding of anthracycline drugs to DNA: the molecular structure of idarubicin and 4-O-demethyl-11-deoxydoxorubicin complexed to d(CGATCG).
;
'Anti-Cancer Drug Des.' 6  137  149  1991 ACDDEA UK 0266-9536 0807 ? 1872945 ? 
1       
;Facile Formation of Crosslinked Adduct between DNA and the Daunorubicin Derivative MAR70 Mediated by Formaldehyde: Molecular Structure of the MAR70-d(CGTnACG) Covalent Adduct
;
Proc.Natl.Acad.Sci.USA  88 4845 4849 1991 PNASA6 US 0027-8424 0040 ? ?       ? 
# 
loop_
_citation_author.citation_id 
_citation_author.name 
_citation_author.ordinal 
_citation_author.identifier_ORCID 
primary 'Gao, Y.G.'           1 ? 
primary 'Wang, A.H.'          2 ? 
1       'Gao, Y.-G.'          3 ? 
1       'Liaw, Y.-C.'         4 ? 
1       'Li, Y.-K.'           5 ? 
1       'Van Der Marel, G.A.' 6 ? 
1       'Van Boom, J.H.'      7 ? 
1       'Wang, A.H.-J.'       8 ? 
# 
loop_
_entity.id 
_entity.type 
_entity.src_method 
_entity.pdbx_description 
_entity.formula_weight 
_entity.pdbx_number_of_molecules 
_entity.pdbx_ec 
_entity.pdbx_mutation 
_entity.pdbx_fragment 
_entity.details 
1 polymer     syn 
;DNA (5'-D(*CP*GP*AP*TP*CP*G)-3')
;
1809.217 1  ? ? ? ? 
2 non-polymer syn IDARUBICIN                         497.494  1  ? ? ? ? 
3 non-polymer syn 'MAGNESIUM ION'                    24.305   1  ? ? ? ? 
4 water       nat water                              18.015   60 ? ? ? ? 
# 
_entity_poly.entity_id                      1 
_entity_poly.type                           polydeoxyribonucleotide 
_entity_poly.nstd_linkage                   no 
_entity_poly.nstd_monomer                   no 
_entity_poly.pdbx_seq_one_letter_code       '(DC)(DG)(DA)(DT)(DC)(DG)' 
_entity_poly.pdbx_seq_one_letter_code_can   CGATCG 
_entity_poly.pdbx_strand_id                 A 
_entity_poly.pdbx_target_identifier         ? 
# 
loop_
_pdbx_entity_nonpoly.entity_id 
_pdbx_entity_nonpoly.name 
_pdbx_entity_nonpoly.comp_id 
2 IDARUBICIN      DM5 
3 'MAGNESIUM ION' MG  
4 water           HOH 
# 
loop_
_entity_poly_seq.entity_id 
_entity_poly_seq.num 
_entity_poly_seq.mon_id 
_entity_poly_seq.hetero 
1 1 DC n 
1 2 DG n 
1 3 DA n 
1 4 DT n 
1 5 DC n 
1 6 DG n 
# 
loop_
_chem_comp.id 
_chem_comp.type 
_chem_comp.mon_nstd_flag 
_chem_comp.name 
_chem_comp.pdbx_synonyms 
_chem_comp.formula 
_chem_comp.formula_weight 
DA  'DNA linking' y "2'-DEOXYADENOSINE-5'-MONOPHOSPHATE" ?                        'C10 H14 N5 O6 P' 331.222 
DC  'DNA linking' y "2'-DEOXYCYTIDINE-5'-MONOPHOSPHATE"  ?                        'C9 H14 N3 O7 P'  307.197 
DG  'DNA linking' y "2'-DEOXYGUANOSINE-5'-MONOPHOSPHATE" ?                        'C10 H14 N5 O7 P' 347.221 
DM5 non-polymer   . IDARUBICIN                           4-DEMETHOXY-DAUNORUBICIN 'C26 H27 N O9'    497.494 
DT  'DNA linking' y "THYMIDINE-5'-MONOPHOSPHATE"         ?                        'C10 H15 N2 O8 P' 322.208 
HOH non-polymer   . WATER                                ?                        'H2 O'            18.015  
MG  non-polymer   . 'MAGNESIUM ION'                      ?                        'Mg 2'            24.305  
# 
loop_
_pdbx_poly_seq_scheme.asym_id 
_pdbx_poly_seq_scheme.entity_id 
_pdbx_poly_seq_scheme.seq_id 
_pdbx_poly_seq_scheme.mon_id 
_pdbx_poly_seq_scheme.ndb_seq_num 
_pdbx_poly_seq_scheme.pdb_seq_num 
_pdbx_poly_seq_scheme.auth_seq_num 
_pdbx_poly_seq_scheme.pdb_mon_id 
_pdbx_poly_seq_scheme.auth_mon_id 
_pdbx_poly_seq_scheme.pdb_strand_id 
_pdbx_poly_seq_scheme.pdb_ins_code 
_pdbx_poly_seq_scheme.hetero 
A 1 1 DC 1 1 1 DC C A . n 
A 1 2 DG 2 2 2 DG G A . n 
A 1 3 DA 3 3 3 DA A A . n 
A 1 4 DT 4 4 4 DT T A . n 
A 1 5 DC 5 5 5 DC C A . n 
A 1 6 DG 6 6 6 DG G A . n 
# 
loop_
_pdbx_nonpoly_scheme.asym_id 
_pdbx_nonpoly_scheme.entity_id 
_pdbx_nonpoly_scheme.mon_id 
_pdbx_nonpoly_scheme.ndb_seq_num 
_pdbx_nonpoly_scheme.pdb_seq_num 
_pdbx_nonpoly_scheme.auth_seq_num 
_pdbx_nonpoly_scheme.pdb_mon_id 
_pdbx_nonpoly_scheme.auth_mon_id 
_pdbx_nonpoly_scheme.pdb_strand_id 
_pdbx_nonpoly_scheme.pdb_ins_code 
B 2 DM5 1  7  7  DM5 DM5 A . 
C 3 MG  1  8  8  MG  MG  A . 
D 4 HOH 1  9  9  HOH HOH A . 
D 4 HOH 2  10 10 HOH HOH A . 
D 4 HOH 3  11 11 HOH HOH A . 
D 4 HOH 4  12 12 HOH HOH A . 
D 4 HOH 5  13 13 HOH HOH A . 
D 4 HOH 6  14 14 HOH HOH A . 
D 4 HOH 7  15 15 HOH HOH A . 
D 4 HOH 8  16 16 HOH HOH A . 
D 4 HOH 9  17 17 HOH HOH A . 
D 4 HOH 10 18 18 HOH HOH A . 
D 4 HOH 11 19 19 HOH HOH A . 
D 4 HOH 12 20 20 HOH HOH A . 
D 4 HOH 13 21 21 HOH HOH A . 
D 4 HOH 14 22 22 HOH HOH A . 
D 4 HOH 15 23 23 HOH HOH A . 
D 4 HOH 16 24 24 HOH HOH A . 
D 4 HOH 17 25 25 HOH HOH A . 
D 4 HOH 18 26 26 HOH HOH A . 
D 4 HOH 19 27 27 HOH HOH A . 
D 4 HOH 20 28 28 HOH HOH A . 
D 4 HOH 21 29 29 HOH HOH A . 
D 4 HOH 22 30 30 HOH HOH A . 
D 4 HOH 23 31 31 HOH HOH A . 
D 4 HOH 24 32 32 HOH HOH A . 
D 4 HOH 25 33 33 HOH HOH A . 
D 4 HOH 26 34 34 HOH HOH A . 
D 4 HOH 27 35 35 HOH HOH A . 
D 4 HOH 28 36 36 HOH HOH A . 
D 4 HOH 29 37 37 HOH HOH A . 
D 4 HOH 30 38 38 HOH HOH A . 
D 4 HOH 31 39 39 HOH HOH A . 
D 4 HOH 32 40 40 HOH HOH A . 
D 4 HOH 33 41 41 HOH HOH A . 
D 4 HOH 34 42 42 HOH HOH A . 
D 4 HOH 35 43 43 HOH HOH A . 
D 4 HOH 36 44 44 HOH HOH A . 
D 4 HOH 37 45 45 HOH HOH A . 
D 4 HOH 38 46 46 HOH HOH A . 
D 4 HOH 39 47 47 HOH HOH A . 
D 4 HOH 40 48 48 HOH HOH A . 
D 4 HOH 41 49 49 HOH HOH A . 
D 4 HOH 42 50 50 HOH HOH A . 
D 4 HOH 43 51 51 HOH HOH A . 
D 4 HOH 44 52 52 HOH HOH A . 
D 4 HOH 45 53 53 HOH HOH A . 
D 4 HOH 46 54 54 HOH HOH A . 
D 4 HOH 47 55 55 HOH HOH A . 
D 4 HOH 48 56 56 HOH HOH A . 
D 4 HOH 49 57 57 HOH HOH A . 
D 4 HOH 50 58 58 HOH HOH A . 
D 4 HOH 51 59 59 HOH HOH A . 
D 4 HOH 52 60 60 HOH HOH A . 
D 4 HOH 53 61 61 HOH HOH A . 
D 4 HOH 54 62 62 HOH HOH A . 
D 4 HOH 55 63 63 HOH HOH A . 
D 4 HOH 56 64 64 HOH HOH A . 
D 4 HOH 57 65 65 HOH HOH A . 
D 4 HOH 58 66 66 HOH HOH A . 
D 4 HOH 59 67 67 HOH HOH A . 
D 4 HOH 60 68 68 HOH HOH A . 
# 
_software.name             NUCLSQ 
_software.classification   refinement 
_software.version          . 
_software.citation_id      ? 
_software.pdbx_ordinal     1 
# 
_cell.entry_id           1D38 
_cell.length_a           28.130 
_cell.length_b           28.130 
_cell.length_c           53.680 
_cell.angle_alpha        90.00 
_cell.angle_beta         90.00 
_cell.angle_gamma        90.00 
_cell.Z_PDB              8 
_cell.pdbx_unique_axis   ? 
# 
_symmetry.entry_id                         1D38 
_symmetry.space_group_name_H-M             'P 41 21 2' 
_symmetry.pdbx_full_space_group_name_H-M   ? 
_symmetry.cell_setting                     ? 
_symmetry.Int_Tables_number                92 
# 
_exptl.entry_id          1D38 
_exptl.method            'X-RAY DIFFRACTION' 
_exptl.crystals_number   ? 
# 
_exptl_crystal.id                    1 
_exptl_crystal.density_meas          ? 
_exptl_crystal.density_Matthews      2.93 
_exptl_crystal.density_percent_sol   58.09 
_exptl_crystal.description           ? 
# 
_exptl_crystal_grow.crystal_id      1 
_exptl_crystal_grow.method          'VAPOR DIFFUSION' 
_exptl_crystal_grow.temp            298.00 
_exptl_crystal_grow.temp_details    ? 
_exptl_crystal_grow.pH              6.00 
_exptl_crystal_grow.pdbx_details    'pH 6.00, VAPOR DIFFUSION, temperature 298.00K' 
_exptl_crystal_grow.pdbx_pH_range   ? 
# 
loop_
_exptl_crystal_grow_comp.crystal_id 
_exptl_crystal_grow_comp.id 
_exptl_crystal_grow_comp.sol_id 
_exptl_crystal_grow_comp.name 
_exptl_crystal_grow_comp.volume 
_exptl_crystal_grow_comp.conc 
_exptl_crystal_grow_comp.details 
1 1 1 WATER           ? ? ? 
1 2 1 MPD             ? ? ? 
1 3 1 BACL2           ? ? ? 
1 4 1 'NA CACODYLATE' ? ? ? 
1 5 1 SPERMINE        ? ? ? 
1 6 2 WATER           ? ? ? 
1 7 2 MPD             ? ? ? 
# 
_diffrn.id                     1 
_diffrn.ambient_temp           298.00 
_diffrn.ambient_temp_details   ? 
_diffrn.crystal_id             1 
# 
_diffrn_detector.diffrn_id              1 
_diffrn_detector.detector               DIFFRACTOMETER 
_diffrn_detector.type                   'RIGAKU AFC-5R' 
_diffrn_detector.pdbx_collection_date   ? 
_diffrn_detector.details                ? 
# 
_diffrn_radiation.diffrn_id                        1 
_diffrn_radiation.wavelength_id                    1 
_diffrn_radiation.pdbx_monochromatic_or_laue_m_l   ? 
_diffrn_radiation.monochromator                    ? 
_diffrn_radiation.pdbx_diffrn_protocol             ? 
_diffrn_radiation.pdbx_scattering_type             x-ray 
# 
_diffrn_radiation_wavelength.id           1 
_diffrn_radiation_wavelength.wavelength   1.5418 
_diffrn_radiation_wavelength.wt           1.0 
# 
_diffrn_source.diffrn_id                   1 
_diffrn_source.source                      'ROTATING ANODE' 
_diffrn_source.type                        RIGAKU 
_diffrn_source.pdbx_synchrotron_site       ? 
_diffrn_source.pdbx_synchrotron_beamline   ? 
_diffrn_source.pdbx_wavelength             1.5418 
_diffrn_source.pdbx_wavelength_list        ? 
# 
_reflns.entry_id                     1D38 
_reflns.observed_criterion_sigma_I   ? 
_reflns.observed_criterion_sigma_F   2.000 
_reflns.d_resolution_low             ? 
_reflns.d_resolution_high            1.700 
_reflns.number_obs                   1724 
_reflns.number_all                   ? 
_reflns.percent_possible_obs         ? 
_reflns.pdbx_Rmerge_I_obs            ? 
_reflns.pdbx_Rsym_value              ? 
_reflns.pdbx_netI_over_sigmaI        ? 
_reflns.B_iso_Wilson_estimate        ? 
_reflns.pdbx_redundancy              ? 
_reflns.pdbx_diffrn_id               1 
_reflns.pdbx_ordinal                 1 
# 
_refine.entry_id                                 1D38 
_refine.ls_number_reflns_obs                     1724 
_refine.ls_number_reflns_all                     ? 
_refine.pdbx_ls_sigma_I                          ? 
_refine.pdbx_ls_sigma_F                          2.000 
_refine.pdbx_data_cutoff_high_absF               ? 
_refine.pdbx_data_cutoff_low_absF                ? 
_refine.pdbx_data_cutoff_high_rms_absF           ? 
_refine.ls_d_res_low                             ? 
_refine.ls_d_res_high                            1.700 
_refine.ls_percent_reflns_obs                    ? 
_refine.ls_R_factor_obs                          0.1880000 
_refine.ls_R_factor_all                          ? 
_refine.ls_R_factor_R_work                       ? 
_refine.ls_R_factor_R_free                       ? 
_refine.ls_R_factor_R_free_error                 ? 
_refine.ls_R_factor_R_free_error_details         ? 
_refine.ls_percent_reflns_R_free                 ? 
_refine.ls_number_reflns_R_free                  ? 
_refine.ls_number_parameters                     ? 
_refine.ls_number_restraints                     ? 
_refine.occupancy_min                            ? 
_refine.occupancy_max                            ? 
_refine.B_iso_mean                               ? 
_refine.aniso_B[1][1]                            ? 
_refine.aniso_B[2][2]                            ? 
_refine.aniso_B[3][3]                            ? 
_refine.aniso_B[1][2]                            ? 
_refine.aniso_B[1][3]                            ? 
_refine.aniso_B[2][3]                            ? 
_refine.solvent_model_details                    ? 
_refine.solvent_model_param_ksol                 ? 
_refine.solvent_model_param_bsol                 ? 
_refine.pdbx_ls_cross_valid_method               ? 
_refine.details                                  ? 
_refine.pdbx_starting_model                      ? 
_refine.pdbx_method_to_determine_struct          ? 
_refine.pdbx_isotropic_thermal_model             ? 
_refine.pdbx_stereochemistry_target_values       ? 
_refine.pdbx_stereochem_target_val_spec_case     ? 
_refine.pdbx_R_Free_selection_details            ? 
_refine.pdbx_overall_ESU_R                       ? 
_refine.pdbx_overall_ESU_R_Free                  ? 
_refine.overall_SU_ML                            ? 
_refine.overall_SU_B                             ? 
_refine.pdbx_refine_id                           'X-RAY DIFFRACTION' 
_refine.pdbx_diffrn_id                           1 
_refine.pdbx_TLS_residual_ADP_flag               ? 
_refine.correlation_coeff_Fo_to_Fc               ? 
_refine.correlation_coeff_Fo_to_Fc_free          ? 
_refine.pdbx_solvent_vdw_probe_radii             ? 
_refine.pdbx_solvent_ion_probe_radii             ? 
_refine.pdbx_solvent_shrinkage_radii             ? 
_refine.pdbx_overall_phase_error                 ? 
_refine.overall_SU_R_Cruickshank_DPI             ? 
_refine.pdbx_overall_SU_R_free_Cruickshank_DPI   ? 
_refine.pdbx_overall_SU_R_Blow_DPI               ? 
_refine.pdbx_overall_SU_R_free_Blow_DPI          ? 
# 
_refine_hist.pdbx_refine_id                   'X-RAY DIFFRACTION' 
_refine_hist.cycle_id                         LAST 
_refine_hist.pdbx_number_atoms_protein        0 
_refine_hist.pdbx_number_atoms_nucleic_acid   120 
_refine_hist.pdbx_number_atoms_ligand         37 
_refine_hist.number_atoms_solvent             60 
_refine_hist.number_atoms_total               217 
_refine_hist.d_res_high                       1.700 
_refine_hist.d_res_low                        . 
# 
_struct.entry_id                  1D38 
_struct.title                     
;INFLUENCE OF AGLYCONE MODIFICATIONS ON THE BINDING OF ANTHRACYCLINE DRUGS TO DNA: THE MOLECULAR STRUCTURE OF IDARUBICIN AND 4-O-DEMETHYL-11-DEOXYDOXORUBICIN COMPLEXED TO D(CGATCG)
;
_struct.pdbx_model_details        ? 
_struct.pdbx_CASP_flag            ? 
_struct.pdbx_model_type_details   ? 
# 
_struct_keywords.entry_id        1D38 
_struct_keywords.pdbx_keywords   DNA 
_struct_keywords.text            'RIGHT HANDED DNA, DOUBLE HELIX, COMPLEXED WITH DRUG, DNA' 
# 
loop_
_struct_asym.id 
_struct_asym.pdbx_blank_PDB_chainid_flag 
_struct_asym.pdbx_modified 
_struct_asym.entity_id 
_struct_asym.details 
A N N 1 ? 
B N N 2 ? 
C N N 3 ? 
D N N 4 ? 
# 
_struct_ref.id                         1 
_struct_ref.entity_id                  1 
_struct_ref.db_name                    PDB 
_struct_ref.db_code                    1D38 
_struct_ref.pdbx_db_accession          1D38 
_struct_ref.pdbx_db_isoform            ? 
_struct_ref.pdbx_seq_one_letter_code   ? 
_struct_ref.pdbx_align_begin           ? 
# 
_struct_ref_seq.align_id                      1 
_struct_ref_seq.ref_id                        1 
_struct_ref_seq.pdbx_PDB_id_code              1D38 
_struct_ref_seq.pdbx_strand_id                A 
_struct_ref_seq.seq_align_beg                 1 
_struct_ref_seq.pdbx_seq_align_beg_ins_code   ? 
_struct_ref_seq.seq_align_end                 6 
_struct_ref_seq.pdbx_seq_align_end_ins_code   ? 
_struct_ref_seq.pdbx_db_accession             1D38 
_struct_ref_seq.db_align_beg                  1 
_struct_ref_seq.pdbx_db_align_beg_ins_code    ? 
_struct_ref_seq.db_align_end                  6 
_struct_ref_seq.pdbx_db_align_end_ins_code    ? 
_struct_ref_seq.pdbx_auth_seq_align_beg       1 
_struct_ref_seq.pdbx_auth_seq_align_end       6 
# 
_pdbx_struct_assembly.id                   1 
_pdbx_struct_assembly.details              author_defined_assembly 
_pdbx_struct_assembly.method_details       ? 
_pdbx_struct_assembly.oligomeric_details   dimeric 
_pdbx_struct_assembly.oligomeric_count     2 
# 
_pdbx_struct_assembly_gen.assembly_id       1 
_pdbx_struct_assembly_gen.oper_expression   1,2 
_pdbx_struct_assembly_gen.asym_id_list      A,B,C,D 
# 
loop_
_pdbx_struct_oper_list.id 
_pdbx_struct_oper_list.type 
_pdbx_struct_oper_list.name 
_pdbx_struct_oper_list.symmetry_operation 
_pdbx_struct_oper_list.matrix[1][1] 
_pdbx_struct_oper_list.matrix[1][2] 
_pdbx_struct_oper_list.matrix[1][3] 
_pdbx_struct_oper_list.vector[1] 
_pdbx_struct_oper_list.matrix[2][1] 
_pdbx_struct_oper_list.matrix[2][2] 
_pdbx_struct_oper_list.matrix[2][3] 
_pdbx_struct_oper_list.vector[2] 
_pdbx_struct_oper_list.matrix[3][1] 
_pdbx_struct_oper_list.matrix[3][2] 
_pdbx_struct_oper_list.matrix[3][3] 
_pdbx_struct_oper_list.vector[3] 
1 'identity operation'         1_555 x,y,z            1.0000000000  0.0000000000  0.0000000000  0.0000000000 0.0000000000  1.0000000000  0.0000000000 0.0000000000  0.0000000000  0.0000000000 1.0000000000 0.0000000000 
2 'crystal symmetry operation' 8_665 -y+1,-x+1,-z+1/2 -0.9874371433 -0.0322130397 -0.1546939175 2.2320155857 -0.0322130397 -0.9174009581 0.3966582939 -6.8901180116 -0.1546939175 0.3966582939 0.9048381014 1.6160437403 
# 
_struct_biol.id   1 
# 
loop_
_struct_conn.id 
_struct_conn.conn_type_id 
_struct_conn.pdbx_leaving_atom_flag 
_struct_conn.pdbx_PDB_id 
_struct_conn.ptnr1_label_asym_id 
_struct_conn.ptnr1_label_comp_id 
_struct_conn.ptnr1_label_seq_id 
_struct_conn.ptnr1_label_atom_id 
_struct_conn.pdbx_ptnr1_label_alt_id 
_struct_conn.pdbx_ptnr1_PDB_ins_code 
_struct_conn.pdbx_ptnr1_standard_comp_id 
_struct_conn.ptnr1_symmetry 
_struct_conn.ptnr2_label_asym_id 
_struct_conn.ptnr2_label_comp_id 
_struct_conn.ptnr2_label_seq_id 
_struct_conn.ptnr2_label_atom_id 
_struct_conn.pdbx_ptnr2_label_alt_id 
_struct_conn.pdbx_ptnr2_PDB_ins_code 
_struct_conn.ptnr1_auth_asym_id 
_struct_conn.ptnr1_auth_comp_id 
_struct_conn.ptnr1_auth_seq_id 
_struct_conn.ptnr2_auth_asym_id 
_struct_conn.ptnr2_auth_comp_id 
_struct_conn.ptnr2_auth_seq_id 
_struct_conn.ptnr2_symmetry 
_struct_conn.pdbx_ptnr3_label_atom_id 
_struct_conn.pdbx_ptnr3_label_seq_id 
_struct_conn.pdbx_ptnr3_label_comp_id 
_struct_conn.pdbx_ptnr3_label_asym_id 
_struct_conn.pdbx_ptnr3_label_alt_id 
_struct_conn.pdbx_ptnr3_PDB_ins_code 
_struct_conn.details 
_struct_conn.pdbx_dist_value 
_struct_conn.pdbx_value_order 
_struct_conn.pdbx_role 
metalc1  metalc ? ? A DG 6 N7 ? ? ? 1_555 C MG  . MG ? ? A DG 6 A MG  8  1_555 ? ? ? ? ? ? ?            2.625 ? ? 
metalc2  metalc ? ? C MG . MG ? ? ? 1_555 D HOH . O  ? ? A MG 8 A HOH 9  1_555 ? ? ? ? ? ? ?            2.787 ? ? 
metalc3  metalc ? ? C MG . MG ? ? ? 1_555 D HOH . O  ? ? A MG 8 A HOH 10 7_555 ? ? ? ? ? ? ?            2.845 ? ? 
metalc4  metalc ? ? C MG . MG ? ? ? 1_555 D HOH . O  ? ? A MG 8 A HOH 11 1_555 ? ? ? ? ? ? ?            2.788 ? ? 
hydrog1  hydrog ? ? A DC 1 N3 ? ? ? 1_555 A DG  6 N1 ? ? A DC 1 A DG  6  8_665 ? ? ? ? ? ? WATSON-CRICK ?     ? ? 
hydrog2  hydrog ? ? A DC 1 N4 ? ? ? 1_555 A DG  6 O6 ? ? A DC 1 A DG  6  8_665 ? ? ? ? ? ? WATSON-CRICK ?     ? ? 
hydrog3  hydrog ? ? A DC 1 O2 ? ? ? 1_555 A DG  6 N2 ? ? A DC 1 A DG  6  8_665 ? ? ? ? ? ? WATSON-CRICK ?     ? ? 
hydrog4  hydrog ? ? A DG 2 N1 ? ? ? 1_555 A DC  5 N3 ? ? A DG 2 A DC  5  8_665 ? ? ? ? ? ? WATSON-CRICK ?     ? ? 
hydrog5  hydrog ? ? A DG 2 N2 ? ? ? 1_555 A DC  5 O2 ? ? A DG 2 A DC  5  8_665 ? ? ? ? ? ? WATSON-CRICK ?     ? ? 
hydrog6  hydrog ? ? A DG 2 O6 ? ? ? 1_555 A DC  5 N4 ? ? A DG 2 A DC  5  8_665 ? ? ? ? ? ? WATSON-CRICK ?     ? ? 
hydrog7  hydrog ? ? A DA 3 N1 ? ? ? 1_555 A DT  4 N3 ? ? A DA 3 A DT  4  8_665 ? ? ? ? ? ? WATSON-CRICK ?     ? ? 
hydrog8  hydrog ? ? A DA 3 N6 ? ? ? 1_555 A DT  4 O4 ? ? A DA 3 A DT  4  8_665 ? ? ? ? ? ? WATSON-CRICK ?     ? ? 
hydrog9  hydrog ? ? A DT 4 N3 ? ? ? 1_555 A DA  3 N1 ? ? A DT 4 A DA  3  8_665 ? ? ? ? ? ? WATSON-CRICK ?     ? ? 
hydrog10 hydrog ? ? A DT 4 O4 ? ? ? 1_555 A DA  3 N6 ? ? A DT 4 A DA  3  8_665 ? ? ? ? ? ? WATSON-CRICK ?     ? ? 
hydrog11 hydrog ? ? A DC 5 N3 ? ? ? 1_555 A DG  2 N1 ? ? A DC 5 A DG  2  8_665 ? ? ? ? ? ? WATSON-CRICK ?     ? ? 
hydrog12 hydrog ? ? A DC 5 N4 ? ? ? 1_555 A DG  2 O6 ? ? A DC 5 A DG  2  8_665 ? ? ? ? ? ? WATSON-CRICK ?     ? ? 
hydrog13 hydrog ? ? A DC 5 O2 ? ? ? 1_555 A DG  2 N2 ? ? A DC 5 A DG  2  8_665 ? ? ? ? ? ? WATSON-CRICK ?     ? ? 
hydrog14 hydrog ? ? A DG 6 N1 ? ? ? 1_555 A DC  1 N3 ? ? A DG 6 A DC  1  8_665 ? ? ? ? ? ? WATSON-CRICK ?     ? ? 
hydrog15 hydrog ? ? A DG 6 N2 ? ? ? 1_555 A DC  1 O2 ? ? A DG 6 A DC  1  8_665 ? ? ? ? ? ? WATSON-CRICK ?     ? ? 
hydrog16 hydrog ? ? A DG 6 O6 ? ? ? 1_555 A DC  1 N4 ? ? A DG 6 A DC  1  8_665 ? ? ? ? ? ? WATSON-CRICK ?     ? ? 
# 
loop_
_struct_conn_type.id 
_struct_conn_type.criteria 
_struct_conn_type.reference 
metalc ? ? 
hydrog ? ? 
# 
loop_
_pdbx_struct_conn_angle.id 
_pdbx_struct_conn_angle.ptnr1_label_atom_id 
_pdbx_struct_conn_angle.ptnr1_label_alt_id 
_pdbx_struct_conn_angle.ptnr1_label_asym_id 
_pdbx_struct_conn_angle.ptnr1_label_comp_id 
_pdbx_struct_conn_angle.ptnr1_label_seq_id 
_pdbx_struct_conn_angle.ptnr1_auth_atom_id 
_pdbx_struct_conn_angle.ptnr1_auth_asym_id 
_pdbx_struct_conn_angle.ptnr1_auth_comp_id 
_pdbx_struct_conn_angle.ptnr1_auth_seq_id 
_pdbx_struct_conn_angle.ptnr1_PDB_ins_code 
_pdbx_struct_conn_angle.ptnr1_symmetry 
_pdbx_struct_conn_angle.ptnr2_label_atom_id 
_pdbx_struct_conn_angle.ptnr2_label_alt_id 
_pdbx_struct_conn_angle.ptnr2_label_asym_id 
_pdbx_struct_conn_angle.ptnr2_label_comp_id 
_pdbx_struct_conn_angle.ptnr2_label_seq_id 
_pdbx_struct_conn_angle.ptnr2_auth_atom_id 
_pdbx_struct_conn_angle.ptnr2_auth_asym_id 
_pdbx_struct_conn_angle.ptnr2_auth_comp_id 
_pdbx_struct_conn_angle.ptnr2_auth_seq_id 
_pdbx_struct_conn_angle.ptnr2_PDB_ins_code 
_pdbx_struct_conn_angle.ptnr2_symmetry 
_pdbx_struct_conn_angle.ptnr3_label_atom_id 
_pdbx_struct_conn_angle.ptnr3_label_alt_id 
_pdbx_struct_conn_angle.ptnr3_label_asym_id 
_pdbx_struct_conn_angle.ptnr3_label_comp_id 
_pdbx_struct_conn_angle.ptnr3_label_seq_id 
_pdbx_struct_conn_angle.ptnr3_auth_atom_id 
_pdbx_struct_conn_angle.ptnr3_auth_asym_id 
_pdbx_struct_conn_angle.ptnr3_auth_comp_id 
_pdbx_struct_conn_angle.ptnr3_auth_seq_id 
_pdbx_struct_conn_angle.ptnr3_PDB_ins_code 
_pdbx_struct_conn_angle.ptnr3_symmetry 
_pdbx_struct_conn_angle.value 
_pdbx_struct_conn_angle.value_esd 
1 N7 ? A DG  6 ? A DG  6  ? 1_555 MG ? C MG . ? A MG 8 ? 1_555 O ? D HOH . ? A HOH 9  ? 1_555 98.8  ? 
2 N7 ? A DG  6 ? A DG  6  ? 1_555 MG ? C MG . ? A MG 8 ? 1_555 O ? D HOH . ? A HOH 10 ? 7_555 134.8 ? 
3 O  ? D HOH . ? A HOH 9  ? 1_555 MG ? C MG . ? A MG 8 ? 1_555 O ? D HOH . ? A HOH 10 ? 7_555 104.2 ? 
4 N7 ? A DG  6 ? A DG  6  ? 1_555 MG ? C MG . ? A MG 8 ? 1_555 O ? D HOH . ? A HOH 11 ? 1_555 142.2 ? 
5 O  ? D HOH . ? A HOH 9  ? 1_555 MG ? C MG . ? A MG 8 ? 1_555 O ? D HOH . ? A HOH 11 ? 1_555 99.2  ? 
6 O  ? D HOH . ? A HOH 10 ? 7_555 MG ? C MG . ? A MG 8 ? 1_555 O ? D HOH . ? A HOH 11 ? 1_555 71.0  ? 
# 
loop_
_struct_site.id 
_struct_site.pdbx_evidence_code 
_struct_site.pdbx_auth_asym_id 
_struct_site.pdbx_auth_comp_id 
_struct_site.pdbx_auth_seq_id 
_struct_site.pdbx_auth_ins_code 
_struct_site.pdbx_num_residues 
_struct_site.details 
AC1 Software A DM5 7 ? 10 'BINDING SITE FOR RESIDUE DM5 A 7' 
AC2 Software A MG  8 ? 5  'BINDING SITE FOR RESIDUE MG A 8'  
1   ?        ? ?   ? ? ?  ?                                  
# 
loop_
_struct_site_gen.id 
_struct_site_gen.site_id 
_struct_site_gen.pdbx_num_res 
_struct_site_gen.label_comp_id 
_struct_site_gen.label_asym_id 
_struct_site_gen.label_seq_id 
_struct_site_gen.pdbx_auth_ins_code 
_struct_site_gen.auth_comp_id 
_struct_site_gen.auth_asym_id 
_struct_site_gen.auth_seq_id 
_struct_site_gen.label_atom_id 
_struct_site_gen.label_alt_id 
_struct_site_gen.symmetry 
_struct_site_gen.details 
1  AC1 10 DC  A 1 ? DC  A 1  . ? 8_665 ? 
2  AC1 10 DG  A 2 ? DG  A 2  . ? 8_665 ? 
3  AC1 10 DA  A 3 ? DA  A 3  . ? 8_665 ? 
4  AC1 10 DT  A 4 ? DT  A 4  . ? 1_555 ? 
5  AC1 10 DC  A 5 ? DC  A 5  . ? 1_555 ? 
6  AC1 10 DG  A 6 ? DG  A 6  . ? 1_555 ? 
7  AC1 10 MG  C . ? MG  A 8  . ? 1_555 ? 
8  AC1 10 HOH D . ? HOH A 29 . ? 1_555 ? 
9  AC1 10 HOH D . ? HOH A 33 . ? 1_555 ? 
10 AC1 10 HOH D . ? HOH A 64 . ? 1_555 ? 
11 AC2 5  DG  A 6 ? DG  A 6  . ? 1_555 ? 
12 AC2 5  DM5 B . ? DM5 A 7  . ? 1_555 ? 
13 AC2 5  HOH D . ? HOH A 9  . ? 1_555 ? 
14 AC2 5  HOH D . ? HOH A 10 . ? 7_555 ? 
15 AC2 5  HOH D . ? HOH A 11 . ? 1_555 ? 
# 
_pdbx_validate_close_contact.id               1 
_pdbx_validate_close_contact.PDB_model_num    1 
_pdbx_validate_close_contact.auth_atom_id_1   O 
_pdbx_validate_close_contact.auth_asym_id_1   A 
_pdbx_validate_close_contact.auth_comp_id_1   HOH 
_pdbx_validate_close_contact.auth_seq_id_1    31 
_pdbx_validate_close_contact.PDB_ins_code_1   ? 
_pdbx_validate_close_contact.label_alt_id_1   ? 
_pdbx_validate_close_contact.auth_atom_id_2   O 
_pdbx_validate_close_contact.auth_asym_id_2   A 
_pdbx_validate_close_contact.auth_comp_id_2   HOH 
_pdbx_validate_close_contact.auth_seq_id_2    62 
_pdbx_validate_close_contact.PDB_ins_code_2   ? 
_pdbx_validate_close_contact.label_alt_id_2   ? 
_pdbx_validate_close_contact.dist             1.57 
# 
_pdbx_validate_symm_contact.id                1 
_pdbx_validate_symm_contact.PDB_model_num     1 
_pdbx_validate_symm_contact.auth_atom_id_1    O 
_pdbx_validate_symm_contact.auth_asym_id_1    A 
_pdbx_validate_symm_contact.auth_comp_id_1    HOH 
_pdbx_validate_symm_contact.auth_seq_id_1     48 
_pdbx_validate_symm_contact.PDB_ins_code_1    ? 
_pdbx_validate_symm_contact.label_alt_id_1    ? 
_pdbx_validate_symm_contact.site_symmetry_1   1_555 
_pdbx_validate_symm_contact.auth_atom_id_2    O 
_pdbx_validate_symm_contact.auth_asym_id_2    A 
_pdbx_validate_symm_contact.auth_comp_id_2    HOH 
_pdbx_validate_symm_contact.auth_seq_id_2     67 
_pdbx_validate_symm_contact.PDB_ins_code_2    ? 
_pdbx_validate_symm_contact.label_alt_id_2    ? 
_pdbx_validate_symm_contact.site_symmetry_2   7_555 
_pdbx_validate_symm_contact.dist              2.17 
# 
loop_
_pdbx_validate_rmsd_bond.id 
_pdbx_validate_rmsd_bond.PDB_model_num 
_pdbx_validate_rmsd_bond.auth_atom_id_1 
_pdbx_validate_rmsd_bond.auth_asym_id_1 
_pdbx_validate_rmsd_bond.auth_comp_id_1 
_pdbx_validate_rmsd_bond.auth_seq_id_1 
_pdbx_validate_rmsd_bond.PDB_ins_code_1 
_pdbx_validate_rmsd_bond.label_alt_id_1 
_pdbx_validate_rmsd_bond.auth_atom_id_2 
_pdbx_validate_rmsd_bond.auth_asym_id_2 
_pdbx_validate_rmsd_bond.auth_comp_id_2 
_pdbx_validate_rmsd_bond.auth_seq_id_2 
_pdbx_validate_rmsd_bond.PDB_ins_code_2 
_pdbx_validate_rmsd_bond.label_alt_id_2 
_pdbx_validate_rmsd_bond.bond_value 
_pdbx_validate_rmsd_bond.bond_target_value 
_pdbx_validate_rmsd_bond.bond_deviation 
_pdbx_validate_rmsd_bond.bond_standard_deviation 
_pdbx_validate_rmsd_bond.linker_flag 
1 1 P     A DG 2 ? ? "O5'" A DG 2 ? ? 1.658 1.593 0.065  0.010 N 
2 1 P     A DT 4 ? ? "O5'" A DT 4 ? ? 1.659 1.593 0.066  0.010 N 
3 1 "O4'" A DT 4 ? ? "C4'" A DT 4 ? ? 1.385 1.446 -0.061 0.010 N 
4 1 C6    A DG 6 ? ? N1    A DG 6 ? ? 1.347 1.391 -0.044 0.007 N 
# 
loop_
_pdbx_validate_rmsd_angle.id 
_pdbx_validate_rmsd_angle.PDB_model_num 
_pdbx_validate_rmsd_angle.auth_atom_id_1 
_pdbx_validate_rmsd_angle.auth_asym_id_1 
_pdbx_validate_rmsd_angle.auth_comp_id_1 
_pdbx_validate_rmsd_angle.auth_seq_id_1 
_pdbx_validate_rmsd_angle.PDB_ins_code_1 
_pdbx_validate_rmsd_angle.label_alt_id_1 
_pdbx_validate_rmsd_angle.auth_atom_id_2 
_pdbx_validate_rmsd_angle.auth_asym_id_2 
_pdbx_validate_rmsd_angle.auth_comp_id_2 
_pdbx_validate_rmsd_angle.auth_seq_id_2 
_pdbx_validate_rmsd_angle.PDB_ins_code_2 
_pdbx_validate_rmsd_angle.label_alt_id_2 
_pdbx_validate_rmsd_angle.auth_atom_id_3 
_pdbx_validate_rmsd_angle.auth_asym_id_3 
_pdbx_validate_rmsd_angle.auth_comp_id_3 
_pdbx_validate_rmsd_angle.auth_seq_id_3 
_pdbx_validate_rmsd_angle.PDB_ins_code_3 
_pdbx_validate_rmsd_angle.label_alt_id_3 
_pdbx_validate_rmsd_angle.angle_value 
_pdbx_validate_rmsd_angle.angle_target_value 
_pdbx_validate_rmsd_angle.angle_deviation 
_pdbx_validate_rmsd_angle.angle_standard_deviation 
_pdbx_validate_rmsd_angle.linker_flag 
1  1 C2    A DC 1 ? ? N3    A DC 1 ? ? C4    A DC 1 ? ? 123.50 119.90 3.60   0.50 N 
2  1 N3    A DC 1 ? ? C2    A DC 1 ? ? O2    A DC 1 ? ? 127.09 121.90 5.19   0.70 N 
3  1 "C3'" A DC 1 ? ? "O3'" A DC 1 ? ? P     A DG 2 ? ? 127.64 119.70 7.94   1.20 Y 
4  1 "O3'" A DC 1 ? ? P     A DG 2 ? ? OP2   A DG 2 ? ? 120.17 110.50 9.67   1.10 Y 
5  1 "O5'" A DG 2 ? ? P     A DG 2 ? ? OP1   A DG 2 ? ? 120.02 110.70 9.32   1.20 N 
6  1 "O5'" A DG 2 ? ? P     A DG 2 ? ? OP2   A DG 2 ? ? 96.71  105.70 -8.99  0.90 N 
7  1 "O5'" A DG 2 ? ? "C5'" A DG 2 ? ? "C4'" A DG 2 ? ? 102.29 109.40 -7.11  0.80 N 
8  1 P     A DG 2 ? ? "O5'" A DG 2 ? ? "C5'" A DG 2 ? ? 107.28 120.90 -13.62 1.60 N 
9  1 "C3'" A DG 2 ? ? "C2'" A DG 2 ? ? "C1'" A DG 2 ? ? 95.58  102.40 -6.82  0.80 N 
10 1 "O4'" A DG 2 ? ? "C1'" A DG 2 ? ? N9    A DG 2 ? ? 113.94 108.30 5.64   0.30 N 
11 1 C6    A DG 2 ? ? N1    A DG 2 ? ? C2    A DG 2 ? ? 120.54 125.10 -4.56  0.60 N 
12 1 C5    A DG 2 ? ? C6    A DG 2 ? ? N1    A DG 2 ? ? 114.98 111.50 3.48   0.50 N 
13 1 N1    A DG 2 ? ? C6    A DG 2 ? ? O6    A DG 2 ? ? 116.08 119.90 -3.82  0.60 N 
14 1 OP1   A DA 3 ? ? P     A DA 3 ? ? OP2   A DA 3 ? ? 130.44 119.60 10.84  1.50 N 
15 1 "O5'" A DA 3 ? ? "C5'" A DA 3 ? ? "C4'" A DA 3 ? ? 101.12 109.40 -8.28  0.80 N 
16 1 "O4'" A DA 3 ? ? "C1'" A DA 3 ? ? N9    A DA 3 ? ? 110.32 108.30 2.02   0.30 N 
17 1 C6    A DA 3 ? ? N1    A DA 3 ? ? C2    A DA 3 ? ? 122.93 118.60 4.33   0.60 N 
18 1 N1    A DA 3 ? ? C2    A DA 3 ? ? N3    A DA 3 ? ? 125.51 129.30 -3.79  0.50 N 
19 1 C5    A DA 3 ? ? C6    A DA 3 ? ? N1    A DA 3 ? ? 113.62 117.70 -4.08  0.50 N 
20 1 N1    A DT 4 ? ? C2    A DT 4 ? ? N3    A DT 4 ? ? 118.78 114.60 4.18   0.60 N 
21 1 C2    A DT 4 ? ? N3    A DT 4 ? ? C4    A DT 4 ? ? 123.09 127.20 -4.11  0.60 N 
22 1 "C3'" A DT 4 ? ? "O3'" A DT 4 ? ? P     A DC 5 ? ? 127.40 119.70 7.70   1.20 Y 
23 1 "O5'" A DC 5 ? ? "C5'" A DC 5 ? ? "C4'" A DC 5 ? ? 103.99 109.40 -5.41  0.80 N 
24 1 "C3'" A DC 5 ? ? "C2'" A DC 5 ? ? "C1'" A DC 5 ? ? 96.77  102.40 -5.63  0.80 N 
25 1 "O4'" A DC 5 ? ? "C1'" A DC 5 ? ? N1    A DC 5 ? ? 116.06 108.30 7.76   0.30 N 
26 1 "O4'" A DG 6 ? ? "C1'" A DG 6 ? ? N9    A DG 6 ? ? 101.63 108.00 -6.37  0.70 N 
27 1 C5    A DG 6 ? ? C6    A DG 6 ? ? O6    A DG 6 ? ? 124.88 128.60 -3.72  0.60 N 
# 
_struct_site_keywords.site_id   1 
_struct_site_keywords.text      INTERCALATION 
# 
loop_
_refine_B_iso.class 
_refine_B_iso.details 
_refine_B_iso.treatment 
_refine_B_iso.pdbx_refine_id 
'ALL ATOMS'  TR isotropic 'X-RAY DIFFRACTION' 
'ALL WATERS' TR isotropic 'X-RAY DIFFRACTION' 
# 
loop_
_refine_occupancy.class 
_refine_occupancy.treatment 
_refine_occupancy.pdbx_refine_id 
'ALL ATOMS'  fix 'X-RAY DIFFRACTION' 
'ALL WATERS' fix 'X-RAY DIFFRACTION' 
# 
loop_
_chem_comp_atom.comp_id 
_chem_comp_atom.atom_id 
_chem_comp_atom.type_symbol 
_chem_comp_atom.pdbx_aromatic_flag 
_chem_comp_atom.pdbx_stereo_config 
_chem_comp_atom.pdbx_ordinal 
DA  OP3    O  N N 1   
DA  P      P  N N 2   
DA  OP1    O  N N 3   
DA  OP2    O  N N 4   
DA  "O5'"  O  N N 5   
DA  "C5'"  C  N N 6   
DA  "C4'"  C  N R 7   
DA  "O4'"  O  N N 8   
DA  "C3'"  C  N S 9   
DA  "O3'"  O  N N 10  
DA  "C2'"  C  N N 11  
DA  "C1'"  C  N R 12  
DA  N9     N  Y N 13  
DA  C8     C  Y N 14  
DA  N7     N  Y N 15  
DA  C5     C  Y N 16  
DA  C6     C  Y N 17  
DA  N6     N  N N 18  
DA  N1     N  Y N 19  
DA  C2     C  Y N 20  
DA  N3     N  Y N 21  
DA  C4     C  Y N 22  
DA  HOP3   H  N N 23  
DA  HOP2   H  N N 24  
DA  "H5'"  H  N N 25  
DA  "H5''" H  N N 26  
DA  "H4'"  H  N N 27  
DA  "H3'"  H  N N 28  
DA  "HO3'" H  N N 29  
DA  "H2'"  H  N N 30  
DA  "H2''" H  N N 31  
DA  "H1'"  H  N N 32  
DA  H8     H  N N 33  
DA  H61    H  N N 34  
DA  H62    H  N N 35  
DA  H2     H  N N 36  
DC  OP3    O  N N 37  
DC  P      P  N N 38  
DC  OP1    O  N N 39  
DC  OP2    O  N N 40  
DC  "O5'"  O  N N 41  
DC  "C5'"  C  N N 42  
DC  "C4'"  C  N R 43  
DC  "O4'"  O  N N 44  
DC  "C3'"  C  N S 45  
DC  "O3'"  O  N N 46  
DC  "C2'"  C  N N 47  
DC  "C1'"  C  N R 48  
DC  N1     N  N N 49  
DC  C2     C  N N 50  
DC  O2     O  N N 51  
DC  N3     N  N N 52  
DC  C4     C  N N 53  
DC  N4     N  N N 54  
DC  C5     C  N N 55  
DC  C6     C  N N 56  
DC  HOP3   H  N N 57  
DC  HOP2   H  N N 58  
DC  "H5'"  H  N N 59  
DC  "H5''" H  N N 60  
DC  "H4'"  H  N N 61  
DC  "H3'"  H  N N 62  
DC  "HO3'" H  N N 63  
DC  "H2'"  H  N N 64  
DC  "H2''" H  N N 65  
DC  "H1'"  H  N N 66  
DC  H41    H  N N 67  
DC  H42    H  N N 68  
DC  H5     H  N N 69  
DC  H6     H  N N 70  
DG  OP3    O  N N 71  
DG  P      P  N N 72  
DG  OP1    O  N N 73  
DG  OP2    O  N N 74  
DG  "O5'"  O  N N 75  
DG  "C5'"  C  N N 76  
DG  "C4'"  C  N R 77  
DG  "O4'"  O  N N 78  
DG  "C3'"  C  N S 79  
DG  "O3'"  O  N N 80  
DG  "C2'"  C  N N 81  
DG  "C1'"  C  N R 82  
DG  N9     N  Y N 83  
DG  C8     C  Y N 84  
DG  N7     N  Y N 85  
DG  C5     C  Y N 86  
DG  C6     C  N N 87  
DG  O6     O  N N 88  
DG  N1     N  N N 89  
DG  C2     C  N N 90  
DG  N2     N  N N 91  
DG  N3     N  N N 92  
DG  C4     C  Y N 93  
DG  HOP3   H  N N 94  
DG  HOP2   H  N N 95  
DG  "H5'"  H  N N 96  
DG  "H5''" H  N N 97  
DG  "H4'"  H  N N 98  
DG  "H3'"  H  N N 99  
DG  "HO3'" H  N N 100 
DG  "H2'"  H  N N 101 
DG  "H2''" H  N N 102 
DG  "H1'"  H  N N 103 
DG  H8     H  N N 104 
DG  H1     H  N N 105 
DG  H21    H  N N 106 
DG  H22    H  N N 107 
DM5 C1     C  Y N 108 
DM5 C2     C  Y N 109 
DM5 C3     C  Y N 110 
DM5 C4     C  Y N 111 
DM5 C5     C  Y N 112 
DM5 C6     C  N N 113 
DM5 O6     O  N N 114 
DM5 C7     C  Y N 115 
DM5 C8     C  Y N 116 
DM5 O8     O  N N 117 
DM5 C9     C  Y N 118 
DM5 C10    C  N S 119 
DM5 O10    O  N N 120 
DM5 C11    C  N N 121 
DM5 C12    C  N S 122 
DM5 O12    O  N N 123 
DM5 C13    C  N N 124 
DM5 O13    O  N N 125 
DM5 C14    C  N N 126 
DM5 C15    C  N N 127 
DM5 C16    C  Y N 128 
DM5 C17    C  Y N 129 
DM5 O17    O  N N 130 
DM5 C18    C  Y N 131 
DM5 C19    C  N N 132 
DM5 O19    O  N N 133 
DM5 C20    C  Y N 134 
DM5 "C1'"  C  N R 135 
DM5 "C2'"  C  N N 136 
DM5 "C3'"  C  N S 137 
DM5 "N3'"  N  N N 138 
DM5 "C4'"  C  N S 139 
DM5 "O4'"  O  N N 140 
DM5 "C5'"  C  N S 141 
DM5 "O5'"  O  N N 142 
DM5 "C6'"  C  N N 143 
DM5 H1     H  N N 144 
DM5 H2     H  N N 145 
DM5 H3     H  N N 146 
DM5 H4     H  N N 147 
DM5 HO8    H  N N 148 
DM5 H10    H  N N 149 
DM5 H111   H  N N 150 
DM5 H112   H  N N 151 
DM5 HO12   H  N N 152 
DM5 H141   H  N N 153 
DM5 H142   H  N N 154 
DM5 H143   H  N N 155 
DM5 H151   H  N N 156 
DM5 H152   H  N N 157 
DM5 HO17   H  N N 158 
DM5 "H1'"  H  N N 159 
DM5 "H2'1" H  N N 160 
DM5 "H2'2" H  N N 161 
DM5 "H3'"  H  N N 162 
DM5 "HN'1" H  N N 163 
DM5 "HN'2" H  N N 164 
DM5 "H4'"  H  N N 165 
DM5 "HO4'" H  N N 166 
DM5 "H5'"  H  N N 167 
DM5 "H6'1" H  N N 168 
DM5 "H6'2" H  N N 169 
DM5 "H6'3" H  N N 170 
DT  OP3    O  N N 171 
DT  P      P  N N 172 
DT  OP1    O  N N 173 
DT  OP2    O  N N 174 
DT  "O5'"  O  N N 175 
DT  "C5'"  C  N N 176 
DT  "C4'"  C  N R 177 
DT  "O4'"  O  N N 178 
DT  "C3'"  C  N S 179 
DT  "O3'"  O  N N 180 
DT  "C2'"  C  N N 181 
DT  "C1'"  C  N R 182 
DT  N1     N  N N 183 
DT  C2     C  N N 184 
DT  O2     O  N N 185 
DT  N3     N  N N 186 
DT  C4     C  N N 187 
DT  O4     O  N N 188 
DT  C5     C  N N 189 
DT  C7     C  N N 190 
DT  C6     C  N N 191 
DT  HOP3   H  N N 192 
DT  HOP2   H  N N 193 
DT  "H5'"  H  N N 194 
DT  "H5''" H  N N 195 
DT  "H4'"  H  N N 196 
DT  "H3'"  H  N N 197 
DT  "HO3'" H  N N 198 
DT  "H2'"  H  N N 199 
DT  "H2''" H  N N 200 
DT  "H1'"  H  N N 201 
DT  H3     H  N N 202 
DT  H71    H  N N 203 
DT  H72    H  N N 204 
DT  H73    H  N N 205 
DT  H6     H  N N 206 
HOH O      O  N N 207 
HOH H1     H  N N 208 
HOH H2     H  N N 209 
MG  MG     MG N N 210 
# 
loop_
_chem_comp_bond.comp_id 
_chem_comp_bond.atom_id_1 
_chem_comp_bond.atom_id_2 
_chem_comp_bond.value_order 
_chem_comp_bond.pdbx_aromatic_flag 
_chem_comp_bond.pdbx_stereo_config 
_chem_comp_bond.pdbx_ordinal 
DA  OP3   P      sing N N 1   
DA  OP3   HOP3   sing N N 2   
DA  P     OP1    doub N N 3   
DA  P     OP2    sing N N 4   
DA  P     "O5'"  sing N N 5   
DA  OP2   HOP2   sing N N 6   
DA  "O5'" "C5'"  sing N N 7   
DA  "C5'" "C4'"  sing N N 8   
DA  "C5'" "H5'"  sing N N 9   
DA  "C5'" "H5''" sing N N 10  
DA  "C4'" "O4'"  sing N N 11  
DA  "C4'" "C3'"  sing N N 12  
DA  "C4'" "H4'"  sing N N 13  
DA  "O4'" "C1'"  sing N N 14  
DA  "C3'" "O3'"  sing N N 15  
DA  "C3'" "C2'"  sing N N 16  
DA  "C3'" "H3'"  sing N N 17  
DA  "O3'" "HO3'" sing N N 18  
DA  "C2'" "C1'"  sing N N 19  
DA  "C2'" "H2'"  sing N N 20  
DA  "C2'" "H2''" sing N N 21  
DA  "C1'" N9     sing N N 22  
DA  "C1'" "H1'"  sing N N 23  
DA  N9    C8     sing Y N 24  
DA  N9    C4     sing Y N 25  
DA  C8    N7     doub Y N 26  
DA  C8    H8     sing N N 27  
DA  N7    C5     sing Y N 28  
DA  C5    C6     sing Y N 29  
DA  C5    C4     doub Y N 30  
DA  C6    N6     sing N N 31  
DA  C6    N1     doub Y N 32  
DA  N6    H61    sing N N 33  
DA  N6    H62    sing N N 34  
DA  N1    C2     sing Y N 35  
DA  C2    N3     doub Y N 36  
DA  C2    H2     sing N N 37  
DA  N3    C4     sing Y N 38  
DC  OP3   P      sing N N 39  
DC  OP3   HOP3   sing N N 40  
DC  P     OP1    doub N N 41  
DC  P     OP2    sing N N 42  
DC  P     "O5'"  sing N N 43  
DC  OP2   HOP2   sing N N 44  
DC  "O5'" "C5'"  sing N N 45  
DC  "C5'" "C4'"  sing N N 46  
DC  "C5'" "H5'"  sing N N 47  
DC  "C5'" "H5''" sing N N 48  
DC  "C4'" "O4'"  sing N N 49  
DC  "C4'" "C3'"  sing N N 50  
DC  "C4'" "H4'"  sing N N 51  
DC  "O4'" "C1'"  sing N N 52  
DC  "C3'" "O3'"  sing N N 53  
DC  "C3'" "C2'"  sing N N 54  
DC  "C3'" "H3'"  sing N N 55  
DC  "O3'" "HO3'" sing N N 56  
DC  "C2'" "C1'"  sing N N 57  
DC  "C2'" "H2'"  sing N N 58  
DC  "C2'" "H2''" sing N N 59  
DC  "C1'" N1     sing N N 60  
DC  "C1'" "H1'"  sing N N 61  
DC  N1    C2     sing N N 62  
DC  N1    C6     sing N N 63  
DC  C2    O2     doub N N 64  
DC  C2    N3     sing N N 65  
DC  N3    C4     doub N N 66  
DC  C4    N4     sing N N 67  
DC  C4    C5     sing N N 68  
DC  N4    H41    sing N N 69  
DC  N4    H42    sing N N 70  
DC  C5    C6     doub N N 71  
DC  C5    H5     sing N N 72  
DC  C6    H6     sing N N 73  
DG  OP3   P      sing N N 74  
DG  OP3   HOP3   sing N N 75  
DG  P     OP1    doub N N 76  
DG  P     OP2    sing N N 77  
DG  P     "O5'"  sing N N 78  
DG  OP2   HOP2   sing N N 79  
DG  "O5'" "C5'"  sing N N 80  
DG  "C5'" "C4'"  sing N N 81  
DG  "C5'" "H5'"  sing N N 82  
DG  "C5'" "H5''" sing N N 83  
DG  "C4'" "O4'"  sing N N 84  
DG  "C4'" "C3'"  sing N N 85  
DG  "C4'" "H4'"  sing N N 86  
DG  "O4'" "C1'"  sing N N 87  
DG  "C3'" "O3'"  sing N N 88  
DG  "C3'" "C2'"  sing N N 89  
DG  "C3'" "H3'"  sing N N 90  
DG  "O3'" "HO3'" sing N N 91  
DG  "C2'" "C1'"  sing N N 92  
DG  "C2'" "H2'"  sing N N 93  
DG  "C2'" "H2''" sing N N 94  
DG  "C1'" N9     sing N N 95  
DG  "C1'" "H1'"  sing N N 96  
DG  N9    C8     sing Y N 97  
DG  N9    C4     sing Y N 98  
DG  C8    N7     doub Y N 99  
DG  C8    H8     sing N N 100 
DG  N7    C5     sing Y N 101 
DG  C5    C6     sing N N 102 
DG  C5    C4     doub Y N 103 
DG  C6    O6     doub N N 104 
DG  C6    N1     sing N N 105 
DG  N1    C2     sing N N 106 
DG  N1    H1     sing N N 107 
DG  C2    N2     sing N N 108 
DG  C2    N3     doub N N 109 
DG  N2    H21    sing N N 110 
DG  N2    H22    sing N N 111 
DG  N3    C4     sing N N 112 
DM5 C1    C2     doub Y N 113 
DM5 C1    C20    sing Y N 114 
DM5 C1    H1     sing N N 115 
DM5 C2    C3     sing Y N 116 
DM5 C2    H2     sing N N 117 
DM5 C3    C4     doub Y N 118 
DM5 C3    H3     sing N N 119 
DM5 C4    C5     sing Y N 120 
DM5 C4    H4     sing N N 121 
DM5 C5    C6     sing N N 122 
DM5 C5    C20    doub Y N 123 
DM5 C6    O6     doub N N 124 
DM5 C6    C7     sing N N 125 
DM5 C7    C8     doub Y N 126 
DM5 C7    C18    sing Y N 127 
DM5 C8    O8     sing N N 128 
DM5 C8    C9     sing Y N 129 
DM5 O8    HO8    sing N N 130 
DM5 C9    C10    sing N N 131 
DM5 C9    C16    doub Y N 132 
DM5 C10   O10    sing N N 133 
DM5 C10   C11    sing N N 134 
DM5 C10   H10    sing N N 135 
DM5 O10   "C1'"  sing N N 136 
DM5 C11   C12    sing N N 137 
DM5 C11   H111   sing N N 138 
DM5 C11   H112   sing N N 139 
DM5 C12   O12    sing N N 140 
DM5 C12   C13    sing N N 141 
DM5 C12   C15    sing N N 142 
DM5 O12   HO12   sing N N 143 
DM5 C13   O13    doub N N 144 
DM5 C13   C14    sing N N 145 
DM5 C14   H141   sing N N 146 
DM5 C14   H142   sing N N 147 
DM5 C14   H143   sing N N 148 
DM5 C15   C16    sing N N 149 
DM5 C15   H151   sing N N 150 
DM5 C15   H152   sing N N 151 
DM5 C16   C17    sing Y N 152 
DM5 C17   O17    sing N N 153 
DM5 C17   C18    doub Y N 154 
DM5 O17   HO17   sing N N 155 
DM5 C18   C19    sing N N 156 
DM5 C19   O19    doub N N 157 
DM5 C19   C20    sing N N 158 
DM5 "C1'" "C2'"  sing N N 159 
DM5 "C1'" "O5'"  sing N N 160 
DM5 "C1'" "H1'"  sing N N 161 
DM5 "C2'" "C3'"  sing N N 162 
DM5 "C2'" "H2'1" sing N N 163 
DM5 "C2'" "H2'2" sing N N 164 
DM5 "C3'" "N3'"  sing N N 165 
DM5 "C3'" "C4'"  sing N N 166 
DM5 "C3'" "H3'"  sing N N 167 
DM5 "N3'" "HN'1" sing N N 168 
DM5 "N3'" "HN'2" sing N N 169 
DM5 "C4'" "O4'"  sing N N 170 
DM5 "C4'" "C5'"  sing N N 171 
DM5 "C4'" "H4'"  sing N N 172 
DM5 "O4'" "HO4'" sing N N 173 
DM5 "C5'" "O5'"  sing N N 174 
DM5 "C5'" "C6'"  sing N N 175 
DM5 "C5'" "H5'"  sing N N 176 
DM5 "C6'" "H6'1" sing N N 177 
DM5 "C6'" "H6'2" sing N N 178 
DM5 "C6'" "H6'3" sing N N 179 
DT  OP3   P      sing N N 180 
DT  OP3   HOP3   sing N N 181 
DT  P     OP1    doub N N 182 
DT  P     OP2    sing N N 183 
DT  P     "O5'"  sing N N 184 
DT  OP2   HOP2   sing N N 185 
DT  "O5'" "C5'"  sing N N 186 
DT  "C5'" "C4'"  sing N N 187 
DT  "C5'" "H5'"  sing N N 188 
DT  "C5'" "H5''" sing N N 189 
DT  "C4'" "O4'"  sing N N 190 
DT  "C4'" "C3'"  sing N N 191 
DT  "C4'" "H4'"  sing N N 192 
DT  "O4'" "C1'"  sing N N 193 
DT  "C3'" "O3'"  sing N N 194 
DT  "C3'" "C2'"  sing N N 195 
DT  "C3'" "H3'"  sing N N 196 
DT  "O3'" "HO3'" sing N N 197 
DT  "C2'" "C1'"  sing N N 198 
DT  "C2'" "H2'"  sing N N 199 
DT  "C2'" "H2''" sing N N 200 
DT  "C1'" N1     sing N N 201 
DT  "C1'" "H1'"  sing N N 202 
DT  N1    C2     sing N N 203 
DT  N1    C6     sing N N 204 
DT  C2    O2     doub N N 205 
DT  C2    N3     sing N N 206 
DT  N3    C4     sing N N 207 
DT  N3    H3     sing N N 208 
DT  C4    O4     doub N N 209 
DT  C4    C5     sing N N 210 
DT  C5    C7     sing N N 211 
DT  C5    C6     doub N N 212 
DT  C7    H71    sing N N 213 
DT  C7    H72    sing N N 214 
DT  C7    H73    sing N N 215 
DT  C6    H6     sing N N 216 
HOH O     H1     sing N N 217 
HOH O     H2     sing N N 218 
# 
loop_
_ndb_struct_conf_na.entry_id 
_ndb_struct_conf_na.feature 
1D38 'double helix'        
1D38 'b-form double helix' 
# 
loop_
_ndb_struct_na_base_pair.model_number 
_ndb_struct_na_base_pair.i_label_asym_id 
_ndb_struct_na_base_pair.i_label_comp_id 
_ndb_struct_na_base_pair.i_label_seq_id 
_ndb_struct_na_base_pair.i_symmetry 
_ndb_struct_na_base_pair.j_label_asym_id 
_ndb_struct_na_base_pair.j_label_comp_id 
_ndb_struct_na_base_pair.j_label_seq_id 
_ndb_struct_na_base_pair.j_symmetry 
_ndb_struct_na_base_pair.shear 
_ndb_struct_na_base_pair.stretch 
_ndb_struct_na_base_pair.stagger 
_ndb_struct_na_base_pair.buckle 
_ndb_struct_na_base_pair.propeller 
_ndb_struct_na_base_pair.opening 
_ndb_struct_na_base_pair.pair_number 
_ndb_struct_na_base_pair.pair_name 
_ndb_struct_na_base_pair.i_auth_asym_id 
_ndb_struct_na_base_pair.i_auth_seq_id 
_ndb_struct_na_base_pair.i_PDB_ins_code 
_ndb_struct_na_base_pair.j_auth_asym_id 
_ndb_struct_na_base_pair.j_auth_seq_id 
_ndb_struct_na_base_pair.j_PDB_ins_code 
_ndb_struct_na_base_pair.hbond_type_28 
_ndb_struct_na_base_pair.hbond_type_12 
1 A DC 1 1_555 A DG 6 8_665 0.228  -0.263 -0.296 13.601  4.354  0.089 1 A_DC1:DG6_A A 1 ? A 6 ? 19 1 
1 A DG 2 1_555 A DC 5 8_665 -0.110 -0.161 -0.314 -16.501 0.809  0.013 2 A_DG2:DC5_A A 2 ? A 5 ? 19 1 
1 A DA 3 1_555 A DT 4 8_665 -0.113 -0.221 0.325  -7.360  -2.238 1.049 3 A_DA3:DT4_A A 3 ? A 4 ? 20 1 
1 A DT 4 1_555 A DA 3 8_665 0.113  -0.221 0.325  7.360   -2.238 1.049 4 A_DT4:DA3_A A 4 ? A 3 ? 20 1 
1 A DC 5 1_555 A DG 2 8_665 0.110  -0.161 -0.314 16.501  0.809  0.013 5 A_DC5:DG2_A A 5 ? A 2 ? 19 1 
1 A DG 6 1_555 A DC 1 8_665 -0.228 -0.263 -0.296 -13.601 4.354  0.089 6 A_DG6:DC1_A A 6 ? A 1 ? 19 1 
# 
loop_
_ndb_struct_na_base_pair_step.model_number 
_ndb_struct_na_base_pair_step.i_label_asym_id_1 
_ndb_struct_na_base_pair_step.i_label_comp_id_1 
_ndb_struct_na_base_pair_step.i_label_seq_id_1 
_ndb_struct_na_base_pair_step.i_symmetry_1 
_ndb_struct_na_base_pair_step.j_label_asym_id_1 
_ndb_struct_na_base_pair_step.j_label_comp_id_1 
_ndb_struct_na_base_pair_step.j_label_seq_id_1 
_ndb_struct_na_base_pair_step.j_symmetry_1 
_ndb_struct_na_base_pair_step.i_label_asym_id_2 
_ndb_struct_na_base_pair_step.i_label_comp_id_2 
_ndb_struct_na_base_pair_step.i_label_seq_id_2 
_ndb_struct_na_base_pair_step.i_symmetry_2 
_ndb_struct_na_base_pair_step.j_label_asym_id_2 
_ndb_struct_na_base_pair_step.j_label_comp_id_2 
_ndb_struct_na_base_pair_step.j_label_seq_id_2 
_ndb_struct_na_base_pair_step.j_symmetry_2 
_ndb_struct_na_base_pair_step.shift 
_ndb_struct_na_base_pair_step.slide 
_ndb_struct_na_base_pair_step.rise 
_ndb_struct_na_base_pair_step.tilt 
_ndb_struct_na_base_pair_step.roll 
_ndb_struct_na_base_pair_step.twist 
_ndb_struct_na_base_pair_step.x_displacement 
_ndb_struct_na_base_pair_step.y_displacement 
_ndb_struct_na_base_pair_step.helical_rise 
_ndb_struct_na_base_pair_step.inclination 
_ndb_struct_na_base_pair_step.tip 
_ndb_struct_na_base_pair_step.helical_twist 
_ndb_struct_na_base_pair_step.step_number 
_ndb_struct_na_base_pair_step.step_name 
_ndb_struct_na_base_pair_step.i_auth_asym_id_1 
_ndb_struct_na_base_pair_step.i_auth_seq_id_1 
_ndb_struct_na_base_pair_step.i_PDB_ins_code_1 
_ndb_struct_na_base_pair_step.j_auth_asym_id_1 
_ndb_struct_na_base_pair_step.j_auth_seq_id_1 
_ndb_struct_na_base_pair_step.j_PDB_ins_code_1 
_ndb_struct_na_base_pair_step.i_auth_asym_id_2 
_ndb_struct_na_base_pair_step.i_auth_seq_id_2 
_ndb_struct_na_base_pair_step.i_PDB_ins_code_2 
_ndb_struct_na_base_pair_step.j_auth_asym_id_2 
_ndb_struct_na_base_pair_step.j_auth_seq_id_2 
_ndb_struct_na_base_pair_step.j_PDB_ins_code_2 
1 A DC 1 1_555 A DG 6 8_665 A DG 2 1_555 A DC 5 8_665 1.309  1.085  7.206 -0.018 -0.729 33.934 2.116  -2.248 7.181 -1.249 0.030   
33.942 1 AA_DC1DG2:DC5DG6_AA A 1 ? A 6 ? A 2 ? A 5 ? 
1 A DG 2 1_555 A DC 5 8_665 A DA 3 1_555 A DT 4 8_665 -1.382 0.436  3.258 -7.123 -0.283 31.718 0.832  1.170  3.475 -0.510 12.831  
32.489 2 AA_DG2DA3:DT4DC5_AA A 2 ? A 5 ? A 3 ? A 4 ? 
1 A DA 3 1_555 A DT 4 8_665 A DT 4 1_555 A DA 3 8_665 0.000  -0.748 3.164 0.000  0.763  31.967 -1.492 0.000  3.146 1.385  0.000   
31.976 3 AA_DA3DT4:DA3DT4_AA A 3 ? A 4 ? A 4 ? A 3 ? 
1 A DT 4 1_555 A DA 3 8_665 A DC 5 1_555 A DG 2 8_665 1.382  0.436  3.258 7.123  -0.283 31.718 0.832  -1.170 3.475 -0.510 -12.831 
32.489 4 AA_DT4DC5:DG2DA3_AA A 4 ? A 3 ? A 5 ? A 2 ? 
1 A DC 5 1_555 A DG 2 8_665 A DG 6 1_555 A DC 1 8_665 -1.309 1.085  7.206 0.018  -0.729 33.934 2.116  2.248  7.181 -1.249 -0.030  
33.942 5 AA_DC5DG6:DC1DG2_AA A 5 ? A 2 ? A 6 ? A 1 ? 
# 
_atom_sites.entry_id                    1D38 
_atom_sites.fract_transf_matrix[1][1]   0.01830358 
_atom_sites.fract_transf_matrix[1][2]   0.01383728 
_atom_sites.fract_transf_matrix[1][3]   -0.02715217 
_atom_sites.fract_transf_matrix[2][1]   0.01431910 
_atom_sites.fract_transf_matrix[2][2]   0.02405408 
_atom_sites.fract_transf_matrix[2][3]   0.02191110 
_atom_sites.fract_transf_matrix[3][1]   0.01409723 
_atom_sites.fract_transf_matrix[3][2]   -0.01164333 
_atom_sites.fract_transf_matrix[3][3]   0.00356943 
_atom_sites.fract_transf_vector[1]      0.563019 
_atom_sites.fract_transf_vector[2]      0.535340 
_atom_sites.fract_transf_vector[3]      0.191272 
# 
loop_
_atom_type.symbol 
C  
MG 
N  
O  
P  
# 
loop_
_atom_site.group_PDB 
_atom_site.id 
_atom_site.type_symbol 
_atom_site.label_atom_id 
_atom_site.label_alt_id 
_atom_site.label_comp_id 
_atom_site.label_asym_id 
_atom_site.label_entity_id 
_atom_site.label_seq_id 
_atom_site.pdbx_PDB_ins_code 
_atom_site.Cartn_x 
_atom_site.Cartn_y 
_atom_site.Cartn_z 
_atom_site.occupancy 
_atom_site.B_iso_or_equiv 
_atom_site.pdbx_formal_charge 
_atom_site.auth_seq_id 
_atom_site.auth_comp_id 
_atom_site.auth_asym_id 
_atom_site.auth_atom_id 
_atom_site.pdbx_PDB_model_num 
ATOM   1   O  "O5'" . DC  A 1 1 ? 8.488   -6.607  10.713  1.00 21.14 ? 1  DC  A "O5'" 1 
ATOM   2   C  "C5'" . DC  A 1 1 ? 9.711   -7.335  10.905  1.00 20.63 ? 1  DC  A "C5'" 1 
ATOM   3   C  "C4'" . DC  A 1 1 ? 10.694  -6.731  9.915   1.00 20.68 ? 1  DC  A "C4'" 1 
ATOM   4   O  "O4'" . DC  A 1 1 ? 11.153  -7.794  9.093   1.00 20.45 ? 1  DC  A "O4'" 1 
ATOM   5   C  "C3'" . DC  A 1 1 ? 10.214  -5.630  8.964   1.00 20.66 ? 1  DC  A "C3'" 1 
ATOM   6   O  "O3'" . DC  A 1 1 ? 11.275  -4.696  8.660   1.00 21.23 ? 1  DC  A "O3'" 1 
ATOM   7   C  "C2'" . DC  A 1 1 ? 9.780   -6.382  7.719   1.00 20.31 ? 1  DC  A "C2'" 1 
ATOM   8   C  "C1'" . DC  A 1 1 ? 10.762  -7.537  7.724   1.00 19.65 ? 1  DC  A "C1'" 1 
ATOM   9   N  N1    . DC  A 1 1 ? 10.119  -8.769  7.278   1.00 19.10 ? 1  DC  A N1    1 
ATOM   10  C  C2    . DC  A 1 1 ? 10.417  -9.186  5.972   1.00 18.58 ? 1  DC  A C2    1 
ATOM   11  O  O2    . DC  A 1 1 ? 11.202  -8.515  5.342   1.00 18.25 ? 1  DC  A O2    1 
ATOM   12  N  N3    . DC  A 1 1 ? 9.795   -10.315 5.560   1.00 18.34 ? 1  DC  A N3    1 
ATOM   13  C  C4    . DC  A 1 1 ? 8.918   -11.025 6.342   1.00 18.26 ? 1  DC  A C4    1 
ATOM   14  N  N4    . DC  A 1 1 ? 8.354   -12.124 5.859   1.00 18.03 ? 1  DC  A N4    1 
ATOM   15  C  C5    . DC  A 1 1 ? 8.606   -10.579 7.659   1.00 18.45 ? 1  DC  A C5    1 
ATOM   16  C  C6    . DC  A 1 1 ? 9.246   -9.460  8.079   1.00 18.57 ? 1  DC  A C6    1 
ATOM   17  P  P     . DG  A 1 2 ? 11.188  -3.096  8.617   1.00 25.81 ? 2  DG  A P     1 
ATOM   18  O  OP1   . DG  A 1 2 ? 12.673  -2.819  8.588   1.00 24.90 ? 2  DG  A OP1   1 
ATOM   19  O  OP2   . DG  A 1 2 ? 10.440  -2.351  9.686   1.00 26.02 ? 2  DG  A OP2   1 
ATOM   20  O  "O5'" . DG  A 1 2 ? 10.232  -2.625  7.347   1.00 22.47 ? 2  DG  A "O5'" 1 
ATOM   21  C  "C5'" . DG  A 1 2 ? 11.028  -2.796  6.110   1.00 22.17 ? 2  DG  A "C5'" 1 
ATOM   22  C  "C4'" . DG  A 1 2 ? 10.006  -2.503  5.024   1.00 21.91 ? 2  DG  A "C4'" 1 
ATOM   23  O  "O4'" . DG  A 1 2 ? 9.104   -3.603  4.997   1.00 21.64 ? 2  DG  A "O4'" 1 
ATOM   24  C  "C3'" . DG  A 1 2 ? 9.182   -1.272  5.289   1.00 21.78 ? 2  DG  A "C3'" 1 
ATOM   25  O  "O3'" . DG  A 1 2 ? 8.876   -0.597  4.071   1.00 22.34 ? 2  DG  A "O3'" 1 
ATOM   26  C  "C2'" . DG  A 1 2 ? 7.894   -1.853  5.933   1.00 21.60 ? 2  DG  A "C2'" 1 
ATOM   27  C  "C1'" . DG  A 1 2 ? 7.789   -3.059  4.993   1.00 21.05 ? 2  DG  A "C1'" 1 
ATOM   28  N  N9    . DG  A 1 2 ? 6.763   -4.000  5.386   1.00 20.48 ? 2  DG  A N9    1 
ATOM   29  C  C8    . DG  A 1 2 ? 6.201   -4.263  6.604   1.00 20.19 ? 2  DG  A C8    1 
ATOM   30  N  N7    . DG  A 1 2 ? 5.257   -5.164  6.554   1.00 20.17 ? 2  DG  A N7    1 
ATOM   31  C  C5    . DG  A 1 2 ? 5.164   -5.515  5.187   1.00 19.88 ? 2  DG  A C5    1 
ATOM   32  C  C6    . DG  A 1 2 ? 4.352   -6.453  4.494   1.00 19.74 ? 2  DG  A C6    1 
ATOM   33  O  O6    . DG  A 1 2 ? 3.476   -7.205  4.941   1.00 19.49 ? 2  DG  A O6    1 
ATOM   34  N  N1    . DG  A 1 2 ? 4.600   -6.547  3.124   1.00 19.39 ? 2  DG  A N1    1 
ATOM   35  C  C2    . DG  A 1 2 ? 5.559   -5.772  2.538   1.00 19.36 ? 2  DG  A C2    1 
ATOM   36  N  N2    . DG  A 1 2 ? 5.733   -5.954  1.232   1.00 19.25 ? 2  DG  A N2    1 
ATOM   37  N  N3    . DG  A 1 2 ? 6.341   -4.889  3.147   1.00 19.56 ? 2  DG  A N3    1 
ATOM   38  C  C4    . DG  A 1 2 ? 6.098   -4.812  4.463   1.00 19.96 ? 2  DG  A C4    1 
ATOM   39  P  P     . DA  A 1 3 ? 9.137   1.017   3.831   1.00 24.56 ? 3  DA  A P     1 
ATOM   40  O  OP1   . DA  A 1 3 ? 10.682  1.101   4.025   1.00 26.08 ? 3  DA  A OP1   1 
ATOM   41  O  OP2   . DA  A 1 3 ? 8.068   1.641   4.567   1.00 23.93 ? 3  DA  A OP2   1 
ATOM   42  O  "O5'" . DA  A 1 3 ? 8.932   1.198   2.202   1.00 20.00 ? 3  DA  A "O5'" 1 
ATOM   43  C  "C5'" . DA  A 1 3 ? 9.906   0.422   1.426   1.00 18.78 ? 3  DA  A "C5'" 1 
ATOM   44  C  "C4'" . DA  A 1 3 ? 9.074   0.031   0.219   1.00 18.67 ? 3  DA  A "C4'" 1 
ATOM   45  O  "O4'" . DA  A 1 3 ? 8.231   -1.054  0.622   1.00 18.32 ? 3  DA  A "O4'" 1 
ATOM   46  C  "C3'" . DA  A 1 3 ? 8.158   1.099   -0.330  1.00 18.50 ? 3  DA  A "C3'" 1 
ATOM   47  O  "O3'" . DA  A 1 3 ? 8.173   1.144   -1.784  1.00 19.20 ? 3  DA  A "O3'" 1 
ATOM   48  C  "C2'" . DA  A 1 3 ? 6.779   0.711   0.149   1.00 18.33 ? 3  DA  A "C2'" 1 
ATOM   49  C  "C1'" . DA  A 1 3 ? 6.908   -0.829  0.140   1.00 17.66 ? 3  DA  A "C1'" 1 
ATOM   50  N  N9    . DA  A 1 3 ? 5.935   -1.380  1.063   1.00 17.07 ? 3  DA  A N9    1 
ATOM   51  C  C8    . DA  A 1 3 ? 5.861   -1.056  2.415   1.00 16.78 ? 3  DA  A C8    1 
ATOM   52  N  N7    . DA  A 1 3 ? 4.853   -1.648  3.008   1.00 16.97 ? 3  DA  A N7    1 
ATOM   53  C  C5    . DA  A 1 3 ? 4.262   -2.436  2.015   1.00 16.64 ? 3  DA  A C5    1 
ATOM   54  C  C6    . DA  A 1 3 ? 3.149   -3.311  2.068   1.00 16.52 ? 3  DA  A C6    1 
ATOM   55  N  N6    . DA  A 1 3 ? 2.458   -3.569  3.146   1.00 16.24 ? 3  DA  A N6    1 
ATOM   56  N  N1    . DA  A 1 3 ? 2.852   -3.881  0.880   1.00 16.30 ? 3  DA  A N1    1 
ATOM   57  C  C2    . DA  A 1 3 ? 3.561   -3.637  -0.258  1.00 16.38 ? 3  DA  A C2    1 
ATOM   58  N  N3    . DA  A 1 3 ? 4.594   -2.813  -0.359  1.00 16.40 ? 3  DA  A N3    1 
ATOM   59  C  C4    . DA  A 1 3 ? 4.906   -2.263  0.814   1.00 16.68 ? 3  DA  A C4    1 
ATOM   60  P  P     . DT  A 1 4 ? 7.634   2.365   -2.620  1.00 22.45 ? 4  DT  A P     1 
ATOM   61  O  OP1   . DT  A 1 4 ? 8.619   2.644   -3.754  1.00 24.17 ? 4  DT  A OP1   1 
ATOM   62  O  OP2   . DT  A 1 4 ? 7.151   3.434   -1.822  1.00 24.93 ? 4  DT  A OP2   1 
ATOM   63  O  "O5'" . DT  A 1 4 ? 6.260   1.805   -3.363  1.00 21.69 ? 4  DT  A "O5'" 1 
ATOM   64  C  "C5'" . DT  A 1 4 ? 6.398   0.544   -4.068  1.00 20.97 ? 4  DT  A "C5'" 1 
ATOM   65  C  "C4'" . DT  A 1 4 ? 4.967   0.123   -4.415  1.00 20.80 ? 4  DT  A "C4'" 1 
ATOM   66  O  "O4'" . DT  A 1 4 ? 4.348   -0.433  -3.307  1.00 20.51 ? 4  DT  A "O4'" 1 
ATOM   67  C  "C3'" . DT  A 1 4 ? 4.040   1.220   -4.907  1.00 20.96 ? 4  DT  A "C3'" 1 
ATOM   68  O  "O3'" . DT  A 1 4 ? 3.673   0.871   -6.275  1.00 21.68 ? 4  DT  A "O3'" 1 
ATOM   69  C  "C2'" . DT  A 1 4 ? 2.879   1.257   -3.930  1.00 20.52 ? 4  DT  A "C2'" 1 
ATOM   70  C  "C1'" . DT  A 1 4 ? 2.952   -0.091  -3.237  1.00 20.00 ? 4  DT  A "C1'" 1 
ATOM   71  N  N1    . DT  A 1 4 ? 2.547   -0.073  -1.829  1.00 19.50 ? 4  DT  A N1    1 
ATOM   72  C  C2    . DT  A 1 4 ? 1.574   -1.001  -1.433  1.00 19.16 ? 4  DT  A C2    1 
ATOM   73  O  O2    . DT  A 1 4 ? 1.070   -1.761  -2.227  1.00 19.23 ? 4  DT  A O2    1 
ATOM   74  N  N3    . DT  A 1 4 ? 1.176   -1.012  -0.153  1.00 18.81 ? 4  DT  A N3    1 
ATOM   75  C  C4    . DT  A 1 4 ? 1.717   -0.223  0.791   1.00 19.03 ? 4  DT  A C4    1 
ATOM   76  O  O4    . DT  A 1 4 ? 1.274   -0.303  1.972   1.00 18.99 ? 4  DT  A O4    1 
ATOM   77  C  C5    . DT  A 1 4 ? 2.707   0.734   0.394   1.00 19.11 ? 4  DT  A C5    1 
ATOM   78  C  C7    . DT  A 1 4 ? 3.295   1.643   1.431   1.00 19.03 ? 4  DT  A C7    1 
ATOM   79  C  C6    . DT  A 1 4 ? 3.092   0.754   -0.892  1.00 19.25 ? 4  DT  A C6    1 
ATOM   80  P  P     . DC  A 1 5 ? 3.032   1.814   -7.365  1.00 24.81 ? 5  DC  A P     1 
ATOM   81  O  OP1   . DC  A 1 5 ? 3.272   1.160   -8.708  1.00 26.12 ? 5  DC  A OP1   1 
ATOM   82  O  OP2   . DC  A 1 5 ? 3.433   3.182   -7.067  1.00 25.06 ? 5  DC  A OP2   1 
ATOM   83  O  "O5'" . DC  A 1 5 ? 1.454   1.739   -6.924  1.00 22.69 ? 5  DC  A "O5'" 1 
ATOM   84  C  "C5'" . DC  A 1 5 ? 0.715   0.487   -7.169  1.00 22.13 ? 5  DC  A "C5'" 1 
ATOM   85  C  "C4'" . DC  A 1 5 ? -0.625  0.704   -6.463  1.00 21.92 ? 5  DC  A "C4'" 1 
ATOM   86  O  "O4'" . DC  A 1 5 ? -0.331  0.556   -5.051  1.00 21.55 ? 5  DC  A "O4'" 1 
ATOM   87  C  "C3'" . DC  A 1 5 ? -1.272  2.038   -6.698  1.00 21.87 ? 5  DC  A "C3'" 1 
ATOM   88  O  "O3'" . DC  A 1 5 ? -2.679  2.016   -6.899  1.00 22.34 ? 5  DC  A "O3'" 1 
ATOM   89  C  "C2'" . DC  A 1 5 ? -0.951  2.800   -5.372  1.00 21.64 ? 5  DC  A "C2'" 1 
ATOM   90  C  "C1'" . DC  A 1 5 ? -1.064  1.584   -4.432  1.00 21.15 ? 5  DC  A "C1'" 1 
ATOM   91  N  N1    . DC  A 1 5 ? -0.654  1.938   -3.081  1.00 20.77 ? 5  DC  A N1    1 
ATOM   92  C  C2    . DC  A 1 5 ? -1.259  1.151   -2.077  1.00 20.58 ? 5  DC  A C2    1 
ATOM   93  O  O2    . DC  A 1 5 ? -1.920  0.183   -2.427  1.00 20.25 ? 5  DC  A O2    1 
ATOM   94  N  N3    . DC  A 1 5 ? -1.045  1.488   -0.788  1.00 20.34 ? 5  DC  A N3    1 
ATOM   95  C  C4    . DC  A 1 5 ? -0.238  2.535   -0.448  1.00 20.44 ? 5  DC  A C4    1 
ATOM   96  N  N4    . DC  A 1 5 ? -0.027  2.842   0.842   1.00 20.14 ? 5  DC  A N4    1 
ATOM   97  C  C5    . DC  A 1 5 ? 0.377   3.320   -1.464  1.00 20.37 ? 5  DC  A C5    1 
ATOM   98  C  C6    . DC  A 1 5 ? 0.113   3.005   -2.740  1.00 20.61 ? 5  DC  A C6    1 
ATOM   99  P  P     . DG  A 1 6 ? -3.431  2.341   -8.334  1.00 24.42 ? 6  DG  A P     1 
ATOM   100 O  OP1   . DG  A 1 6 ? -2.609  1.249   -9.088  1.00 25.69 ? 6  DG  A OP1   1 
ATOM   101 O  OP2   . DG  A 1 6 ? -3.239  3.793   -8.529  1.00 23.22 ? 6  DG  A OP2   1 
ATOM   102 O  "O5'" . DG  A 1 6 ? -4.926  1.912   -8.169  1.00 21.10 ? 6  DG  A "O5'" 1 
ATOM   103 C  "C5'" . DG  A 1 6 ? -5.231  0.538   -7.862  1.00 20.36 ? 6  DG  A "C5'" 1 
ATOM   104 C  "C4'" . DG  A 1 6 ? -6.724  0.396   -7.612  1.00 20.11 ? 6  DG  A "C4'" 1 
ATOM   105 O  "O4'" . DG  A 1 6 ? -7.039  0.915   -6.297  1.00 19.99 ? 6  DG  A "O4'" 1 
ATOM   106 C  "C3'" . DG  A 1 6 ? -7.729  1.049   -8.516  1.00 19.77 ? 6  DG  A "C3'" 1 
ATOM   107 O  "O3'" . DG  A 1 6 ? -8.825  0.136   -8.649  1.00 19.87 ? 6  DG  A "O3'" 1 
ATOM   108 C  "C2'" . DG  A 1 6 ? -8.185  2.319   -7.815  1.00 19.57 ? 6  DG  A "C2'" 1 
ATOM   109 C  "C1'" . DG  A 1 6 ? -8.056  1.944   -6.377  1.00 19.29 ? 6  DG  A "C1'" 1 
ATOM   110 N  N9    . DG  A 1 6 ? -7.486  2.991   -5.522  1.00 18.84 ? 6  DG  A N9    1 
ATOM   111 C  C8    . DG  A 1 6 ? -6.477  3.861   -5.804  1.00 18.86 ? 6  DG  A C8    1 
ATOM   112 N  N7    . DG  A 1 6 ? -6.109  4.606   -4.794  1.00 18.96 ? 6  DG  A N7    1 
ATOM   113 C  C5    . DG  A 1 6 ? -6.930  4.171   -3.757  1.00 18.32 ? 6  DG  A C5    1 
ATOM   114 C  C6    . DG  A 1 6 ? -7.006  4.615   -2.403  1.00 18.11 ? 6  DG  A C6    1 
ATOM   115 O  O6    . DG  A 1 6 ? -6.310  5.514   -1.914  1.00 17.65 ? 6  DG  A O6    1 
ATOM   116 N  N1    . DG  A 1 6 ? -7.904  3.921   -1.679  1.00 17.67 ? 6  DG  A N1    1 
ATOM   117 C  C2    . DG  A 1 6 ? -8.661  2.898   -2.166  1.00 17.88 ? 6  DG  A C2    1 
ATOM   118 N  N2    . DG  A 1 6 ? -9.464  2.310   -1.338  1.00 17.30 ? 6  DG  A N2    1 
ATOM   119 N  N3    . DG  A 1 6 ? -8.644  2.447   -3.452  1.00 18.13 ? 6  DG  A N3    1 
ATOM   120 C  C4    . DG  A 1 6 ? -7.751  3.154   -4.169  1.00 18.50 ? 6  DG  A C4    1 
HETATM 121 C  C1    . DM5 B 2 . ? -2.889  5.445   1.444   1.00 20.58 ? 7  DM5 A C1    1 
HETATM 122 C  C2    . DM5 B 2 . ? -1.989  6.401   0.980   1.00 20.65 ? 7  DM5 A C2    1 
HETATM 123 C  C3    . DM5 B 2 . ? -1.600  6.519   -0.426  1.00 20.70 ? 7  DM5 A C3    1 
HETATM 124 C  C4    . DM5 B 2 . ? -2.167  5.547   -1.381  1.00 20.50 ? 7  DM5 A C4    1 
HETATM 125 C  C5    . DM5 B 2 . ? -3.050  4.604   -0.777  1.00 20.68 ? 7  DM5 A C5    1 
HETATM 126 C  C6    . DM5 B 2 . ? -3.640  3.583   -1.721  1.00 20.61 ? 7  DM5 A C6    1 
HETATM 127 O  O6    . DM5 B 2 . ? -3.450  3.600   -2.950  1.00 21.55 ? 7  DM5 A O6    1 
HETATM 128 C  C7    . DM5 B 2 . ? -4.573  2.604   -1.173  1.00 20.56 ? 7  DM5 A C7    1 
HETATM 129 C  C8    . DM5 B 2 . ? -5.160  1.690   -2.059  1.00 20.65 ? 7  DM5 A C8    1 
HETATM 130 O  O8    . DM5 B 2 . ? -4.850  1.687   -3.326  1.00 20.72 ? 7  DM5 A O8    1 
HETATM 131 C  C9    . DM5 B 2 . ? -6.071  0.746   -1.513  1.00 20.71 ? 7  DM5 A C9    1 
HETATM 132 C  C10   . DM5 B 2 . ? -6.696  -0.300  -2.512  1.00 21.09 ? 7  DM5 A C10   1 
HETATM 133 O  O10   . DM5 B 2 . ? -5.486  -0.966  -2.996  1.00 22.10 ? 7  DM5 A O10   1 
HETATM 134 C  C11   . DM5 B 2 . ? -7.664  -1.218  -1.853  1.00 20.81 ? 7  DM5 A C11   1 
HETATM 135 C  C12   . DM5 B 2 . ? -7.363  -1.598  -0.414  1.00 20.66 ? 7  DM5 A C12   1 
HETATM 136 O  O12   . DM5 B 2 . ? -6.087  -2.325  -0.231  1.00 20.48 ? 7  DM5 A O12   1 
HETATM 137 C  C13   . DM5 B 2 . ? -8.480  -2.479  0.143   1.00 20.67 ? 7  DM5 A C13   1 
HETATM 138 O  O13   . DM5 B 2 . ? -9.497  -1.833  0.443   1.00 20.56 ? 7  DM5 A O13   1 
HETATM 139 C  C14   . DM5 B 2 . ? -8.646  -3.970  -0.139  1.00 20.47 ? 7  DM5 A C14   1 
HETATM 140 C  C15   . DM5 B 2 . ? -7.322  -0.287  0.479   1.00 20.54 ? 7  DM5 A C15   1 
HETATM 141 C  C16   . DM5 B 2 . ? -6.438  0.670   -0.168  1.00 20.58 ? 7  DM5 A C16   1 
HETATM 142 C  C17   . DM5 B 2 . ? -5.840  1.628   0.673   1.00 20.48 ? 7  DM5 A C17   1 
HETATM 143 O  O17   . DM5 B 2 . ? -6.186  1.599   2.034   1.00 20.71 ? 7  DM5 A O17   1 
HETATM 144 C  C18   . DM5 B 2 . ? -4.948  2.605   0.281   1.00 20.36 ? 7  DM5 A C18   1 
HETATM 145 C  C19   . DM5 B 2 . ? -4.318  3.591   1.151   1.00 20.29 ? 7  DM5 A C19   1 
HETATM 146 O  O19   . DM5 B 2 . ? -4.543  3.624   2.347   1.00 20.20 ? 7  DM5 A O19   1 
HETATM 147 C  C20   . DM5 B 2 . ? -3.417  4.534   0.527   1.00 20.30 ? 7  DM5 A C20   1 
HETATM 148 C  "C1'" . DM5 B 2 . ? -5.382  -1.598  -4.228  1.00 22.66 ? 7  DM5 A "C1'" 1 
HETATM 149 C  "C2'" . DM5 B 2 . ? -3.980  -1.428  -4.787  1.00 22.70 ? 7  DM5 A "C2'" 1 
HETATM 150 C  "C3'" . DM5 B 2 . ? -3.013  -2.074  -3.794  1.00 23.11 ? 7  DM5 A "C3'" 1 
HETATM 151 N  "N3'" . DM5 B 2 . ? -1.552  -1.874  -4.342  1.00 22.99 ? 7  DM5 A "N3'" 1 
HETATM 152 C  "C4'" . DM5 B 2 . ? -3.339  -3.578  -3.687  1.00 23.02 ? 7  DM5 A "C4'" 1 
HETATM 153 O  "O4'" . DM5 B 2 . ? -3.056  -4.109  -5.026  1.00 23.50 ? 7  DM5 A "O4'" 1 
HETATM 154 C  "C5'" . DM5 B 2 . ? -4.757  -3.790  -3.207  1.00 23.08 ? 7  DM5 A "C5'" 1 
HETATM 155 O  "O5'" . DM5 B 2 . ? -5.698  -3.052  -4.110  1.00 22.87 ? 7  DM5 A "O5'" 1 
HETATM 156 C  "C6'" . DM5 B 2 . ? -5.306  -5.239  -3.329  1.00 22.99 ? 7  DM5 A "C6'" 1 
HETATM 157 MG MG    . MG  C 3 . ? -4.033  6.209   -4.886  1.00 36.59 ? 8  MG  A MG    1 
HETATM 158 O  O     . HOH D 4 . ? -4.726  7.924   -2.801  1.00 39.00 ? 9  HOH A O     1 
HETATM 159 O  O     . HOH D 4 . ? -6.487  12.369  2.996   1.00 42.40 ? 10 HOH A O     1 
HETATM 160 O  O     . HOH D 4 . ? -1.261  6.245   -4.587  1.00 44.99 ? 11 HOH A O     1 
HETATM 161 O  O     . HOH D 4 . ? 0.452   -6.382  -3.602  1.00 55.74 ? 12 HOH A O     1 
HETATM 162 O  O     . HOH D 4 . ? -2.176  -4.036  5.408   1.00 28.30 ? 13 HOH A O     1 
HETATM 163 O  O     . HOH D 4 . ? 1.359   0.513   4.799   1.00 37.21 ? 14 HOH A O     1 
HETATM 164 O  O     . HOH D 4 . ? -0.609  -1.557  5.934   1.00 38.51 ? 15 HOH A O     1 
HETATM 165 O  O     . HOH D 4 . ? 6.252   0.398   7.401   1.00 51.89 ? 16 HOH A O     1 
HETATM 166 O  O     . HOH D 4 . ? -4.742  -8.671  -6.270  1.00 54.44 ? 17 HOH A O     1 
HETATM 167 O  O     . HOH D 4 . ? -0.249  -3.295  -7.294  1.00 37.85 ? 18 HOH A O     1 
HETATM 168 O  O     . HOH D 4 . ? 4.288   4.290   -1.452  1.00 32.79 ? 19 HOH A O     1 
HETATM 169 O  O     . HOH D 4 . ? -7.074  -9.783  -4.108  1.00 42.22 ? 20 HOH A O     1 
HETATM 170 O  O     . HOH D 4 . ? 3.501   5.013   1.891   1.00 55.42 ? 21 HOH A O     1 
HETATM 171 O  O     . HOH D 4 . ? -2.614  1.682   7.386   1.00 46.07 ? 22 HOH A O     1 
HETATM 172 O  O     . HOH D 4 . ? -5.280  -6.141  -8.554  1.00 48.49 ? 23 HOH A O     1 
HETATM 173 O  O     . HOH D 4 . ? 1.115   5.283   3.169   1.00 60.11 ? 24 HOH A O     1 
HETATM 174 O  O     . HOH D 4 . ? 1.562   6.422   0.164   1.00 47.67 ? 25 HOH A O     1 
HETATM 175 O  O     . HOH D 4 . ? -9.702  -5.885  8.567   1.00 70.51 ? 26 HOH A O     1 
HETATM 176 O  O     . HOH D 4 . ? -6.215  -0.480  7.804   1.00 41.80 ? 27 HOH A O     1 
HETATM 177 O  O     . HOH D 4 . ? -8.962  -7.051  -2.588  1.00 41.80 ? 28 HOH A O     1 
HETATM 178 O  O     . HOH D 4 . ? -3.949  -3.463  -7.795  1.00 59.71 ? 29 HOH A O     1 
HETATM 179 O  O     . HOH D 4 . ? 2.144   6.728   -2.564  1.00 53.38 ? 30 HOH A O     1 
HETATM 180 O  O     . HOH D 4 . ? 2.062   4.756   -5.735  1.00 51.07 ? 31 HOH A O     1 
HETATM 181 O  O     . HOH D 4 . ? -5.202  2.102   8.220   1.00 51.64 ? 32 HOH A O     1 
HETATM 182 O  O     . HOH D 4 . ? -3.753  4.218   4.831   1.00 43.08 ? 33 HOH A O     1 
HETATM 183 O  O     . HOH D 4 . ? 0.948   8.724   3.425   1.00 48.18 ? 34 HOH A O     1 
HETATM 184 O  O     . HOH D 4 . ? -1.915  4.086   10.058  1.00 48.79 ? 35 HOH A O     1 
HETATM 185 O  O     . HOH D 4 . ? -15.787 -0.134  3.535   1.00 67.39 ? 36 HOH A O     1 
HETATM 186 O  O     . HOH D 4 . ? -4.724  8.444   7.940   1.00 50.53 ? 37 HOH A O     1 
HETATM 187 O  O     . HOH D 4 . ? -8.908  -3.272  -8.177  1.00 69.01 ? 38 HOH A O     1 
HETATM 188 O  O     . HOH D 4 . ? -11.060 0.593   1.609   1.00 31.85 ? 39 HOH A O     1 
HETATM 189 O  O     . HOH D 4 . ? -7.061  5.934   6.765   1.00 31.55 ? 40 HOH A O     1 
HETATM 190 O  O     . HOH D 4 . ? -4.315  6.327   6.309   1.00 47.95 ? 41 HOH A O     1 
HETATM 191 O  O     . HOH D 4 . ? -12.929 -0.674  4.185   1.00 43.63 ? 42 HOH A O     1 
HETATM 192 O  O     . HOH D 4 . ? -11.664 -0.336  -1.695  1.00 43.63 ? 43 HOH A O     1 
HETATM 193 O  O     . HOH D 4 . ? -10.477 0.287   -4.433  1.00 32.42 ? 44 HOH A O     1 
HETATM 194 O  O     . HOH D 4 . ? -5.062  9.048   2.474   1.00 34.46 ? 45 HOH A O     1 
HETATM 195 O  O     . HOH D 4 . ? -13.224 -2.102  1.956   1.00 54.54 ? 46 HOH A O     1 
HETATM 196 O  O     . HOH D 4 . ? -11.625 -0.588  -7.491  1.00 35.79 ? 47 HOH A O     1 
HETATM 197 O  O     . HOH D 4 . ? -6.246  4.797   -9.488  1.00 61.50 ? 48 HOH A O     1 
HETATM 198 O  O     . HOH D 4 . ? -5.905  5.265   -12.055 1.00 63.38 ? 49 HOH A O     1 
HETATM 199 O  O     . HOH D 4 . ? 5.369   2.852   7.629   1.00 45.76 ? 50 HOH A O     1 
HETATM 200 O  O     . HOH D 4 . ? 6.206   4.027   1.183   1.00 35.48 ? 51 HOH A O     1 
HETATM 201 O  O     . HOH D 4 . ? -1.030  -6.499  -6.337  1.00 44.62 ? 52 HOH A O     1 
HETATM 202 O  O     . HOH D 4 . ? -1.882  -0.834  9.620   1.00 66.21 ? 53 HOH A O     1 
HETATM 203 O  O     . HOH D 4 . ? 3.027   2.440   5.678   1.00 62.00 ? 54 HOH A O     1 
HETATM 204 O  O     . HOH D 4 . ? -2.872  5.936   -11.200 1.00 62.42 ? 55 HOH A O     1 
HETATM 205 O  O     . HOH D 4 . ? -0.911  7.384   -12.455 1.00 46.59 ? 56 HOH A O     1 
HETATM 206 O  O     . HOH D 4 . ? -7.283  -4.675  8.958   1.00 71.91 ? 57 HOH A O     1 
HETATM 207 O  O     . HOH D 4 . ? -0.329  2.923   5.128   1.00 59.61 ? 58 HOH A O     1 
HETATM 208 O  O     . HOH D 4 . ? 0.550   6.073   6.973   1.00 57.88 ? 59 HOH A O     1 
HETATM 209 O  O     . HOH D 4 . ? 2.356   9.200   7.828   1.00 52.06 ? 60 HOH A O     1 
HETATM 210 O  O     . HOH D 4 . ? -8.682  -7.983  -7.990  1.00 49.88 ? 61 HOH A O     1 
HETATM 211 O  O     . HOH D 4 . ? 0.784   4.902   -4.832  1.00 63.70 ? 62 HOH A O     1 
HETATM 212 O  O     . HOH D 4 . ? -2.421  6.190   8.325   1.00 71.11 ? 63 HOH A O     1 
HETATM 213 O  O     . HOH D 4 . ? -8.358  -2.354  -5.537  1.00 59.00 ? 64 HOH A O     1 
HETATM 214 O  O     . HOH D 4 . ? -2.612  7.570   4.536   1.00 38.32 ? 65 HOH A O     1 
HETATM 215 O  O     . HOH D 4 . ? -1.254  -5.858  -9.862  1.00 51.37 ? 66 HOH A O     1 
HETATM 216 O  O     . HOH D 4 . ? -6.753  9.298   5.516   1.00 64.68 ? 67 HOH A O     1 
HETATM 217 O  O     . HOH D 4 . ? -3.340  11.870  3.481   1.00 65.36 ? 68 HOH A O     1 
# 
